data_8W2D
#
_entry.id   8W2D
#
_cell.length_a   60.116
_cell.length_b   79.072
_cell.length_c   70.484
_cell.angle_alpha   90.000
_cell.angle_beta   93.515
_cell.angle_gamma   90.000
#
_symmetry.space_group_name_H-M   'P 1 21 1'
#
loop_
_entity.id
_entity.type
_entity.pdbx_description
1 polymer 'Non-ribosomal peptide synthetase'
2 non-polymer "4'-PHOSPHOPANTETHEINE"
3 non-polymer 1,2-ETHANEDIOL
4 water water
#
_entity_poly.entity_id   1
_entity_poly.type   'polypeptide(L)'
_entity_poly.pdbx_seq_one_letter_code
;GSSHHHHHHSSGLVPRGSHMERLTEIFRGVLGHAAFGIRDDFFDLGGDSFKAIRIAAKYGPPLEVTDIYDHPTIEALAEH
LEHASEESSSIVLMAGDPATAKAVVVCVANAAGGPVNFVDMSRAMPEQASDVAMFGVKLPRTEVDSDGAMLEEVRRLSNA
VCDDLLAATDLPAIVFAQANGSALALAITRELVRRSADVRALCIGGALMRTVTGKRDTRTDDEILAFLGKAGSTLPAQPD
EQAFFLHDFRYDGWLADVYYNHLVDLMSRGALEVVDIPVWCLVGSEDPLVPNYPVRFQDWSHIGRPVQLVEYAGIGHYLL
RDCPEAIARAVGSVWEHVSCKGVTA
;
_entity_poly.pdbx_strand_id   A,B
#
loop_
_chem_comp.id
_chem_comp.type
_chem_comp.name
_chem_comp.formula
EDO non-polymer 1,2-ETHANEDIOL 'C2 H6 O2'
PNS non-polymer 4'-PHOSPHOPANTETHEINE 'C11 H23 N2 O7 P S'
#
# COMPACT_ATOMS: atom_id res chain seq x y z
N GLY A 17 -6.18 5.54 36.02
CA GLY A 17 -6.50 6.24 37.25
C GLY A 17 -6.14 7.71 37.24
N SER A 18 -5.22 8.10 38.11
CA SER A 18 -4.77 9.48 38.16
C SER A 18 -3.87 9.78 36.95
N HIS A 19 -3.61 11.07 36.74
CA HIS A 19 -2.75 11.47 35.64
C HIS A 19 -1.35 10.88 35.79
N MET A 20 -0.73 11.07 36.96
CA MET A 20 0.62 10.55 37.16
C MET A 20 0.62 9.03 37.21
N GLU A 21 -0.48 8.40 37.65
CA GLU A 21 -0.52 6.93 37.67
C GLU A 21 -0.51 6.36 36.26
N ARG A 22 -1.35 6.93 35.38
CA ARG A 22 -1.35 6.48 33.99
C ARG A 22 -0.03 6.81 33.32
N LEU A 23 0.55 7.98 33.65
CA LEU A 23 1.84 8.34 33.08
C LEU A 23 2.92 7.35 33.50
N THR A 24 2.93 6.95 34.77
CA THR A 24 3.95 6.02 35.24
C THR A 24 3.76 4.64 34.63
N GLU A 25 2.51 4.18 34.51
CA GLU A 25 2.27 2.90 33.87
C GLU A 25 2.75 2.90 32.42
N ILE A 26 2.39 3.95 31.67
CA ILE A 26 2.79 4.03 30.27
C ILE A 26 4.30 4.16 30.13
N PHE A 27 4.93 4.96 30.99
CA PHE A 27 6.38 5.12 30.92
C PHE A 27 7.10 3.82 31.24
N ARG A 28 6.64 3.08 32.25
CA ARG A 28 7.27 1.80 32.57
C ARG A 28 7.08 0.80 31.44
N GLY A 29 5.94 0.83 30.77
CA GLY A 29 5.73 -0.08 29.66
C GLY A 29 6.52 0.28 28.43
N VAL A 30 6.71 1.58 28.18
CA VAL A 30 7.37 2.04 26.97
C VAL A 30 8.89 2.08 27.08
N LEU A 31 9.42 2.28 28.28
CA LEU A 31 10.86 2.47 28.44
C LEU A 31 11.61 1.17 28.70
N GLY A 32 10.97 0.18 29.29
CA GLY A 32 11.61 -1.12 29.44
C GLY A 32 11.64 -1.63 30.86
N HIS A 33 11.81 -0.72 31.82
CA HIS A 33 11.99 -1.10 33.21
C HIS A 33 10.93 -0.43 34.07
N ALA A 34 10.78 -0.96 35.29
CA ALA A 34 9.88 -0.37 36.28
C ALA A 34 10.63 0.50 37.29
N ALA A 35 11.95 0.38 37.36
CA ALA A 35 12.78 1.17 38.26
C ALA A 35 12.77 2.61 37.77
N PHE A 36 11.65 3.32 37.97
CA PHE A 36 11.45 4.65 37.42
C PHE A 36 10.67 5.49 38.40
N GLY A 37 11.08 6.74 38.56
CA GLY A 37 10.40 7.69 39.41
C GLY A 37 9.75 8.82 38.64
N ILE A 38 9.20 9.77 39.40
CA ILE A 38 8.45 10.88 38.83
C ILE A 38 9.27 12.14 38.68
N ARG A 39 10.55 12.11 39.05
CA ARG A 39 11.45 13.24 38.89
C ARG A 39 12.57 12.96 37.90
N ASP A 40 12.59 11.77 37.30
CA ASP A 40 13.63 11.40 36.35
C ASP A 40 13.29 11.90 34.95
N ASP A 41 14.32 12.36 34.24
CA ASP A 41 14.12 12.89 32.90
C ASP A 41 13.72 11.78 31.94
N PHE A 42 12.82 12.10 31.00
CA PHE A 42 12.39 11.11 30.01
C PHE A 42 13.52 10.72 29.07
N PHE A 43 14.41 11.66 28.74
CA PHE A 43 15.48 11.38 27.80
C PHE A 43 16.74 10.86 28.47
N ASP A 44 16.98 11.18 29.74
CA ASP A 44 18.18 10.72 30.42
C ASP A 44 18.20 9.23 30.68
N LEU A 45 17.13 8.50 30.34
CA LEU A 45 17.10 7.05 30.56
C LEU A 45 16.38 6.34 29.41
N GLY A 46 16.59 6.79 28.18
CA GLY A 46 16.15 6.07 27.01
C GLY A 46 14.97 6.63 26.24
N GLY A 47 14.46 7.81 26.58
CA GLY A 47 13.31 8.35 25.87
C GLY A 47 13.71 8.95 24.54
N ASP A 48 12.78 8.94 23.58
CA ASP A 48 13.07 9.56 22.29
C ASP A 48 11.79 9.85 21.53
N SER A 49 11.98 10.44 20.36
CA SER A 49 11.00 10.70 19.31
C SER A 49 9.87 9.69 19.19
N PHE A 50 10.19 8.46 18.79
CA PHE A 50 9.15 7.45 18.65
C PHE A 50 8.52 7.10 19.98
N LYS A 51 9.31 6.99 21.04
CA LYS A 51 8.75 6.65 22.34
C LYS A 51 7.83 7.74 22.85
N ALA A 52 8.15 9.01 22.56
CA ALA A 52 7.26 10.10 22.93
C ALA A 52 5.96 10.05 22.14
N ILE A 53 6.04 9.75 20.84
CA ILE A 53 4.81 9.60 20.06
C ILE A 53 3.95 8.48 20.62
N ARG A 54 4.58 7.34 20.93
CA ARG A 54 3.83 6.20 21.47
C ARG A 54 3.19 6.55 22.82
N ILE A 55 3.92 7.28 23.67
CA ILE A 55 3.39 7.70 24.96
C ILE A 55 2.18 8.60 24.76
N ALA A 56 2.32 9.61 23.90
CA ALA A 56 1.22 10.54 23.67
C ALA A 56 0.01 9.84 23.07
N ALA A 57 0.24 8.77 22.31
CA ALA A 57 -0.89 8.06 21.72
C ALA A 57 -1.59 7.19 22.75
N LYS A 58 -0.83 6.53 23.63
CA LYS A 58 -1.46 5.64 24.60
C LYS A 58 -2.14 6.41 25.73
N TYR A 59 -1.54 7.52 26.17
CA TYR A 59 -2.15 8.28 27.27
C TYR A 59 -3.55 8.78 26.91
N GLY A 60 -3.73 9.28 25.69
CA GLY A 60 -4.99 9.86 25.30
C GLY A 60 -4.87 11.22 24.63
N PRO A 61 -6.01 11.81 24.31
CA PRO A 61 -6.01 13.04 23.51
C PRO A 61 -5.23 14.18 24.13
N PRO A 62 -5.48 14.55 25.40
CA PRO A 62 -5.01 15.86 25.85
C PRO A 62 -3.51 15.97 25.98
N LEU A 63 -2.77 14.87 25.82
CA LEU A 63 -1.32 14.90 25.83
C LEU A 63 -0.82 15.04 24.40
N GLU A 64 0.04 16.01 24.16
CA GLU A 64 0.69 16.19 22.87
C GLU A 64 2.17 15.85 22.98
N VAL A 65 2.74 15.42 21.85
CA VAL A 65 4.13 14.96 21.85
C VAL A 65 5.07 16.08 22.27
N THR A 66 4.76 17.32 21.89
CA THR A 66 5.63 18.44 22.26
C THR A 66 5.60 18.73 23.76
N ASP A 67 4.50 18.38 24.43
CA ASP A 67 4.42 18.57 25.87
C ASP A 67 5.40 17.67 26.62
N ILE A 68 5.86 16.59 26.00
CA ILE A 68 6.85 15.73 26.65
C ILE A 68 8.23 16.38 26.54
N TYR A 69 8.45 17.18 25.50
CA TYR A 69 9.72 17.87 25.30
C TYR A 69 9.79 19.12 26.16
N ASP A 70 8.67 19.82 26.32
CA ASP A 70 8.60 20.93 27.26
C ASP A 70 8.46 20.50 28.72
N HIS A 71 8.23 19.21 28.98
CA HIS A 71 7.97 18.73 30.35
C HIS A 71 8.37 17.26 30.45
N PRO A 72 9.68 16.98 30.51
CA PRO A 72 10.14 15.59 30.42
C PRO A 72 10.08 14.82 31.73
N THR A 73 9.35 15.34 32.72
CA THR A 73 9.14 14.64 33.97
C THR A 73 7.64 14.41 34.16
N ILE A 74 7.30 13.36 34.89
CA ILE A 74 5.89 13.00 35.06
C ILE A 74 5.16 14.04 35.91
N GLU A 75 5.81 14.58 36.94
CA GLU A 75 5.14 15.55 37.80
C GLU A 75 4.85 16.84 37.04
N ALA A 76 5.86 17.38 36.35
CA ALA A 76 5.66 18.61 35.59
C ALA A 76 4.65 18.39 34.47
N LEU A 77 4.70 17.22 33.82
CA LEU A 77 3.76 16.92 32.75
C LEU A 77 2.33 16.81 33.27
N ALA A 78 2.16 16.22 34.45
CA ALA A 78 0.82 16.11 35.03
C ALA A 78 0.30 17.46 35.47
N GLU A 79 1.19 18.33 35.95
CA GLU A 79 0.78 19.69 36.27
C GLU A 79 0.35 20.43 35.02
N HIS A 80 1.13 20.31 33.94
CA HIS A 80 0.73 20.89 32.66
C HIS A 80 -0.64 20.39 32.24
N LEU A 81 -0.87 19.08 32.33
CA LEU A 81 -2.19 18.53 32.02
C LEU A 81 -3.29 19.14 32.90
N GLU A 82 -2.97 19.48 34.16
CA GLU A 82 -3.98 20.10 35.01
C GLU A 82 -4.54 21.37 34.37
N HIS A 83 -3.68 22.36 34.14
CA HIS A 83 -4.09 23.62 33.51
C HIS A 83 -3.97 23.59 31.99
N ALA A 84 -4.19 22.43 31.37
CA ALA A 84 -4.00 22.31 29.93
C ALA A 84 -5.11 23.03 29.17
N SER A 85 -6.37 22.77 29.51
CA SER A 85 -7.49 23.38 28.82
C SER A 85 -8.78 23.19 29.59
N SER A 88 -10.17 21.24 22.02
CA SER A 88 -9.32 20.55 21.07
C SER A 88 -9.04 21.44 19.87
N SER A 89 -7.76 21.60 19.53
CA SER A 89 -7.34 22.41 18.41
C SER A 89 -6.58 21.56 17.41
N SER A 90 -6.59 22.00 16.15
CA SER A 90 -5.86 21.32 15.09
C SER A 90 -4.42 21.80 14.96
N ILE A 91 -4.02 22.81 15.75
CA ILE A 91 -2.67 23.36 15.67
C ILE A 91 -2.13 23.52 17.09
N VAL A 92 -0.80 23.57 17.19
CA VAL A 92 -0.10 23.70 18.47
C VAL A 92 0.94 24.81 18.36
N LEU A 93 0.88 25.77 19.27
CA LEU A 93 1.85 26.85 19.32
C LEU A 93 3.21 26.32 19.78
N MET A 94 4.25 26.65 19.02
CA MET A 94 5.59 26.13 19.29
C MET A 94 6.64 27.18 19.58
N ALA A 95 6.49 28.40 19.05
CA ALA A 95 7.46 29.45 19.35
C ALA A 95 6.78 30.81 19.19
N GLY A 96 7.21 31.77 20.01
CA GLY A 96 6.71 33.12 19.96
C GLY A 96 5.35 33.27 20.61
N ASP A 97 4.81 34.48 20.48
CA ASP A 97 3.47 34.78 20.98
C ASP A 97 2.75 35.69 19.97
N PRO A 98 1.57 35.30 19.49
CA PRO A 98 0.89 36.13 18.49
C PRO A 98 0.62 37.56 18.93
N ALA A 99 0.59 37.84 20.24
CA ALA A 99 0.30 39.19 20.69
C ALA A 99 1.41 40.16 20.29
N THR A 100 2.67 39.75 20.46
CA THR A 100 3.79 40.62 20.14
C THR A 100 4.34 40.39 18.74
N ALA A 101 3.91 39.34 18.04
CA ALA A 101 4.54 38.97 16.79
C ALA A 101 3.96 39.78 15.65
N LYS A 102 4.70 39.83 14.55
CA LYS A 102 4.27 40.53 13.35
C LYS A 102 3.80 39.58 12.26
N ALA A 103 4.06 38.28 12.39
CA ALA A 103 3.61 37.30 11.42
C ALA A 103 3.56 35.94 12.09
N VAL A 104 2.87 35.01 11.44
CA VAL A 104 2.73 33.65 11.93
C VAL A 104 3.10 32.70 10.80
N VAL A 105 3.61 31.52 11.17
CA VAL A 105 3.99 30.49 10.21
C VAL A 105 3.35 29.17 10.64
N VAL A 106 2.61 28.56 9.71
CA VAL A 106 1.91 27.31 9.93
C VAL A 106 2.70 26.20 9.26
N CYS A 107 3.15 25.24 10.06
CA CYS A 107 4.12 24.24 9.63
C CYS A 107 3.46 22.88 9.52
N VAL A 108 3.61 22.24 8.36
CA VAL A 108 3.09 20.90 8.12
C VAL A 108 4.25 19.94 7.95
N ALA A 109 4.22 18.84 8.69
CA ALA A 109 5.33 17.90 8.74
C ALA A 109 5.21 16.86 7.63
N ASN A 110 6.27 16.08 7.47
CA ASN A 110 6.30 15.05 6.44
C ASN A 110 5.55 13.80 6.91
N ALA A 111 5.55 12.77 6.07
CA ALA A 111 4.77 11.57 6.37
C ALA A 111 5.27 10.94 7.66
N ALA A 112 4.33 10.42 8.45
CA ALA A 112 4.58 9.78 9.73
C ALA A 112 5.03 10.77 10.80
N GLY A 113 4.93 12.08 10.53
CA GLY A 113 5.44 13.09 11.42
C GLY A 113 4.36 13.93 12.06
N GLY A 114 4.78 15.08 12.59
CA GLY A 114 3.88 15.99 13.24
C GLY A 114 4.64 17.18 13.79
N PRO A 115 4.02 17.94 14.70
CA PRO A 115 4.73 19.10 15.28
C PRO A 115 6.10 18.76 15.84
N VAL A 116 6.29 17.52 16.32
CA VAL A 116 7.57 17.11 16.88
C VAL A 116 8.70 17.42 15.91
N ASN A 117 8.49 17.16 14.62
CA ASN A 117 9.53 17.35 13.64
C ASN A 117 10.14 18.75 13.67
N PHE A 118 9.41 19.73 14.20
CA PHE A 118 9.84 21.13 14.16
C PHE A 118 10.45 21.59 15.48
N VAL A 119 10.60 20.70 16.45
CA VAL A 119 11.06 21.10 17.78
C VAL A 119 12.32 21.95 17.68
N ASP A 120 13.40 21.36 17.15
CA ASP A 120 14.64 22.10 16.98
C ASP A 120 14.40 23.42 16.26
N MET A 121 13.68 23.38 15.14
CA MET A 121 13.45 24.60 14.38
C MET A 121 12.81 25.66 15.26
N SER A 122 11.80 25.28 16.04
CA SER A 122 11.14 26.23 16.91
C SER A 122 12.13 26.84 17.89
N ARG A 123 13.02 26.01 18.44
CA ARG A 123 13.98 26.52 19.41
C ARG A 123 14.98 27.49 18.79
N ALA A 124 15.08 27.53 17.47
CA ALA A 124 15.92 28.49 16.79
C ALA A 124 15.17 29.76 16.39
N MET A 125 13.85 29.74 16.40
CA MET A 125 13.10 30.90 15.95
C MET A 125 13.39 32.17 16.73
N PRO A 126 13.55 32.14 18.06
CA PRO A 126 13.85 33.40 18.78
C PRO A 126 15.09 34.12 18.30
N GLU A 127 16.06 33.41 17.72
CA GLU A 127 17.31 34.03 17.27
C GLU A 127 17.39 34.21 15.76
N GLN A 128 16.52 33.53 15.00
CA GLN A 128 16.55 33.60 13.55
C GLN A 128 15.32 34.27 12.95
N ALA A 129 14.20 34.31 13.69
CA ALA A 129 13.00 35.01 13.25
C ALA A 129 12.20 35.40 14.48
N SER A 130 12.67 36.42 15.20
CA SER A 130 12.08 36.78 16.48
C SER A 130 10.68 37.35 16.33
N ASP A 131 10.34 37.90 15.17
CA ASP A 131 9.03 38.53 14.96
C ASP A 131 7.96 37.52 14.56
N VAL A 132 8.32 36.26 14.32
CA VAL A 132 7.41 35.28 13.72
C VAL A 132 7.04 34.24 14.78
N ALA A 133 5.73 34.04 14.96
CA ALA A 133 5.22 32.95 15.78
C ALA A 133 5.05 31.70 14.93
N MET A 134 5.17 30.53 15.56
CA MET A 134 5.13 29.27 14.85
C MET A 134 4.03 28.38 15.40
N PHE A 135 3.10 27.97 14.53
CA PHE A 135 2.11 26.95 14.83
C PHE A 135 2.42 25.70 14.02
N GLY A 136 2.27 24.54 14.65
CA GLY A 136 2.43 23.25 13.98
C GLY A 136 1.10 22.58 13.78
N VAL A 137 0.91 21.96 12.60
CA VAL A 137 -0.34 21.30 12.27
C VAL A 137 -0.33 19.88 12.83
N LYS A 138 -1.40 19.52 13.54
CA LYS A 138 -1.57 18.16 14.05
C LYS A 138 -2.30 17.31 13.03
N LEU A 139 -1.84 16.06 12.87
CA LEU A 139 -2.40 15.17 11.86
C LEU A 139 -3.30 14.14 12.54
N PRO A 140 -4.63 14.30 12.49
CA PRO A 140 -5.49 13.34 13.19
C PRO A 140 -5.48 11.96 12.55
N ARG A 141 -5.26 11.89 11.24
CA ARG A 141 -5.31 10.62 10.51
C ARG A 141 -6.66 9.93 10.69
N THR A 142 -7.73 10.67 10.38
CA THR A 142 -9.08 10.14 10.44
C THR A 142 -9.23 8.96 9.49
N GLU A 143 -9.91 7.91 9.97
CA GLU A 143 -10.15 6.73 9.16
C GLU A 143 -11.13 7.04 8.04
N VAL A 144 -10.79 6.63 6.82
CA VAL A 144 -11.65 6.80 5.66
C VAL A 144 -11.60 5.52 4.83
N ASP A 145 -12.64 5.32 4.01
CA ASP A 145 -12.82 4.08 3.28
C ASP A 145 -12.71 4.24 1.76
N SER A 146 -12.28 5.39 1.28
CA SER A 146 -12.20 5.61 -0.17
C SER A 146 -11.31 6.81 -0.47
N ASP A 147 -10.89 6.90 -1.72
CA ASP A 147 -10.13 8.07 -2.16
C ASP A 147 -11.01 9.33 -2.14
N GLY A 148 -12.29 9.19 -2.49
CA GLY A 148 -13.20 10.32 -2.39
C GLY A 148 -13.42 10.76 -0.95
N ALA A 149 -13.56 9.79 -0.05
CA ALA A 149 -13.59 10.12 1.38
C ALA A 149 -12.29 10.76 1.83
N MET A 150 -11.16 10.33 1.25
CA MET A 150 -9.88 10.93 1.61
C MET A 150 -9.81 12.39 1.15
N LEU A 151 -10.34 12.69 -0.03
CA LEU A 151 -10.38 14.08 -0.49
C LEU A 151 -11.31 14.92 0.36
N GLU A 152 -12.47 14.36 0.75
CA GLU A 152 -13.34 15.08 1.68
C GLU A 152 -12.64 15.32 3.01
N GLU A 153 -11.80 14.39 3.44
CA GLU A 153 -11.07 14.56 4.69
C GLU A 153 -9.99 15.63 4.56
N VAL A 154 -9.32 15.68 3.40
CA VAL A 154 -8.35 16.75 3.16
C VAL A 154 -9.05 18.11 3.25
N ARG A 155 -10.23 18.23 2.63
CA ARG A 155 -10.97 19.48 2.71
C ARG A 155 -11.34 19.81 4.16
N ARG A 156 -11.85 18.81 4.88
CA ARG A 156 -12.25 19.02 6.28
C ARG A 156 -11.07 19.47 7.12
N LEU A 157 -9.91 18.85 6.93
CA LEU A 157 -8.75 19.16 7.75
C LEU A 157 -8.18 20.53 7.41
N SER A 158 -8.12 20.87 6.12
CA SER A 158 -7.65 22.20 5.74
C SER A 158 -8.57 23.27 6.28
N ASN A 159 -9.89 23.03 6.25
CA ASN A 159 -10.82 24.00 6.80
C ASN A 159 -10.69 24.09 8.33
N ALA A 160 -10.42 22.98 9.00
CA ALA A 160 -10.23 23.03 10.44
C ALA A 160 -8.98 23.82 10.80
N VAL A 161 -7.88 23.60 10.09
CA VAL A 161 -6.64 24.33 10.36
C VAL A 161 -6.85 25.81 10.10
N CYS A 162 -7.50 26.15 8.98
CA CYS A 162 -7.75 27.56 8.69
C CYS A 162 -8.65 28.20 9.75
N ASP A 163 -9.68 27.50 10.19
CA ASP A 163 -10.57 28.04 11.22
C ASP A 163 -9.79 28.31 12.50
N ASP A 164 -9.03 27.31 12.97
CA ASP A 164 -8.29 27.50 14.22
C ASP A 164 -7.24 28.59 14.09
N LEU A 165 -6.62 28.72 12.91
CA LEU A 165 -5.61 29.76 12.72
C LEU A 165 -6.25 31.15 12.76
N LEU A 166 -7.32 31.35 11.99
CA LEU A 166 -7.97 32.66 11.97
C LEU A 166 -8.65 32.97 13.30
N ALA A 167 -8.94 31.96 14.12
CA ALA A 167 -9.43 32.22 15.47
C ALA A 167 -8.31 32.42 16.48
N ALA A 168 -7.08 32.05 16.14
CA ALA A 168 -5.96 32.22 17.05
C ALA A 168 -5.21 33.52 16.83
N THR A 169 -5.22 34.05 15.61
CA THR A 169 -4.43 35.24 15.30
C THR A 169 -4.97 35.88 14.04
N ASP A 170 -4.71 37.18 13.90
CA ASP A 170 -5.03 37.92 12.68
C ASP A 170 -3.76 38.41 11.98
N LEU A 171 -2.64 37.75 12.21
CA LEU A 171 -1.37 38.16 11.63
C LEU A 171 -1.21 37.64 10.20
N PRO A 172 -0.37 38.30 9.41
CA PRO A 172 0.00 37.73 8.10
C PRO A 172 0.62 36.35 8.26
N ALA A 173 0.25 35.43 7.37
CA ALA A 173 0.56 34.03 7.54
C ALA A 173 1.48 33.51 6.43
N ILE A 174 2.47 32.73 6.84
CA ILE A 174 3.35 31.97 5.96
C ILE A 174 3.01 30.49 6.17
N VAL A 175 2.95 29.74 5.08
CA VAL A 175 2.75 28.30 5.15
C VAL A 175 4.08 27.61 4.82
N PHE A 176 4.57 26.79 5.74
CA PHE A 176 5.78 26.00 5.57
C PHE A 176 5.41 24.53 5.50
N ALA A 177 6.05 23.81 4.57
CA ALA A 177 5.77 22.40 4.34
C ALA A 177 7.07 21.60 4.33
N GLN A 178 7.02 20.41 4.90
CA GLN A 178 8.15 19.48 4.92
C GLN A 178 7.82 18.34 3.97
N ALA A 179 8.44 18.36 2.79
CA ALA A 179 8.34 17.23 1.86
C ALA A 179 6.89 16.86 1.61
N ASN A 180 6.49 15.66 2.06
CA ASN A 180 5.15 15.16 1.78
C ASN A 180 4.08 16.12 2.29
N GLY A 181 4.31 16.74 3.43
CA GLY A 181 3.35 17.67 4.01
C GLY A 181 2.93 18.75 3.03
N SER A 182 3.79 19.02 2.04
CA SER A 182 3.45 19.95 0.97
C SER A 182 2.00 19.77 0.53
N ALA A 183 1.60 18.51 0.30
CA ALA A 183 0.22 18.22 -0.10
C ALA A 183 -0.74 19.03 0.75
N LEU A 184 -0.84 18.68 2.04
CA LEU A 184 -1.77 19.38 2.91
C LEU A 184 -1.52 20.88 2.89
N ALA A 185 -0.25 21.28 2.90
CA ALA A 185 0.07 22.70 2.89
C ALA A 185 -0.62 23.40 1.73
N LEU A 186 -0.50 22.82 0.52
CA LEU A 186 -1.19 23.40 -0.63
C LEU A 186 -2.65 23.64 -0.30
N ALA A 187 -3.35 22.59 0.14
CA ALA A 187 -4.75 22.75 0.50
C ALA A 187 -4.95 23.97 1.38
N ILE A 188 -4.22 24.02 2.50
CA ILE A 188 -4.39 25.12 3.44
C ILE A 188 -4.22 26.44 2.71
N THR A 189 -3.10 26.59 2.00
CA THR A 189 -2.84 27.84 1.31
C THR A 189 -4.03 28.23 0.44
N ARG A 190 -4.50 27.29 -0.38
CA ARG A 190 -5.58 27.62 -1.30
C ARG A 190 -6.84 28.01 -0.53
N GLU A 191 -7.15 27.29 0.53
CA GLU A 191 -8.32 27.66 1.33
C GLU A 191 -8.15 29.10 1.84
N LEU A 192 -6.95 29.41 2.34
CA LEU A 192 -6.71 30.75 2.89
C LEU A 192 -6.83 31.82 1.81
N VAL A 193 -6.66 31.46 0.53
CA VAL A 193 -6.87 32.43 -0.54
C VAL A 193 -8.36 32.57 -0.84
N ARG A 194 -9.12 31.48 -0.76
CA ARG A 194 -10.56 31.56 -1.00
C ARG A 194 -11.21 32.49 0.01
N ARG A 195 -10.77 32.42 1.26
CA ARG A 195 -11.30 33.28 2.31
C ARG A 195 -10.71 34.68 2.27
N SER A 196 -9.85 34.97 1.30
CA SER A 196 -9.20 36.28 1.19
C SER A 196 -8.49 36.63 2.49
N ALA A 197 -7.85 35.63 3.09
CA ALA A 197 -7.02 35.84 4.26
C ALA A 197 -5.63 36.33 3.83
N ASP A 198 -4.89 36.84 4.81
CA ASP A 198 -3.60 37.49 4.57
C ASP A 198 -2.50 36.42 4.53
N VAL A 199 -2.38 35.78 3.37
CA VAL A 199 -1.30 34.84 3.10
C VAL A 199 -0.27 35.53 2.22
N ARG A 200 1.00 35.44 2.60
CA ARG A 200 2.06 36.16 1.91
C ARG A 200 3.12 35.27 1.28
N ALA A 201 3.14 33.98 1.57
CA ALA A 201 4.20 33.13 1.05
C ALA A 201 3.88 31.67 1.32
N LEU A 202 4.34 30.81 0.41
CA LEU A 202 4.30 29.36 0.62
C LEU A 202 5.74 28.86 0.57
N CYS A 203 6.19 28.24 1.65
CA CYS A 203 7.55 27.71 1.74
C CYS A 203 7.47 26.18 1.76
N ILE A 204 8.28 25.54 0.92
CA ILE A 204 8.27 24.08 0.79
C ILE A 204 9.70 23.58 0.86
N GLY A 205 9.94 22.57 1.70
CA GLY A 205 11.26 22.00 1.88
C GLY A 205 11.31 20.58 1.36
N GLY A 206 12.28 20.31 0.50
CA GLY A 206 12.55 18.96 0.03
C GLY A 206 11.42 18.32 -0.75
N ALA A 207 10.70 19.10 -1.54
CA ALA A 207 9.60 18.56 -2.34
C ALA A 207 9.53 19.29 -3.67
N LEU A 208 8.82 18.66 -4.61
CA LEU A 208 8.59 19.23 -5.93
C LEU A 208 7.13 19.04 -6.31
N MET A 209 6.61 19.95 -7.13
CA MET A 209 5.23 19.83 -7.59
C MET A 209 5.08 18.60 -8.48
N ARG A 210 3.99 17.86 -8.29
CA ARG A 210 3.73 16.65 -9.06
C ARG A 210 2.98 17.02 -10.33
N THR A 211 3.54 16.64 -11.48
CA THR A 211 2.99 16.97 -12.78
C THR A 211 2.24 15.82 -13.44
N VAL A 212 2.48 14.59 -13.00
CA VAL A 212 1.83 13.41 -13.54
C VAL A 212 1.03 12.75 -12.44
N THR A 213 -0.02 12.03 -12.83
CA THR A 213 -0.78 11.26 -11.85
C THR A 213 0.14 10.25 -11.18
N GLY A 214 -0.07 10.04 -9.88
CA GLY A 214 0.80 9.23 -9.07
C GLY A 214 0.27 7.84 -8.85
N LYS A 215 1.19 6.94 -8.50
CA LYS A 215 0.85 5.57 -8.15
C LYS A 215 0.61 5.45 -6.65
N ARG A 216 -0.21 4.46 -6.28
CA ARG A 216 -0.44 4.20 -4.87
C ARG A 216 0.71 3.37 -4.30
N ASP A 217 1.00 3.59 -3.02
CA ASP A 217 2.14 2.94 -2.37
C ASP A 217 1.79 1.49 -2.08
N THR A 218 2.34 0.58 -2.88
CA THR A 218 2.17 -0.86 -2.68
C THR A 218 3.45 -1.53 -2.22
N ARG A 219 4.37 -0.77 -1.61
CA ARG A 219 5.64 -1.32 -1.19
C ARG A 219 5.53 -2.10 0.11
N THR A 220 6.46 -3.02 0.29
CA THR A 220 6.60 -3.78 1.53
C THR A 220 7.29 -2.92 2.59
N ASP A 221 7.15 -3.35 3.84
CA ASP A 221 7.82 -2.65 4.93
C ASP A 221 9.32 -2.57 4.71
N ASP A 222 9.93 -3.65 4.19
CA ASP A 222 11.36 -3.64 3.92
C ASP A 222 11.72 -2.65 2.82
N GLU A 223 10.85 -2.51 1.82
CA GLU A 223 11.10 -1.54 0.76
C GLU A 223 11.02 -0.12 1.29
N ILE A 224 10.11 0.13 2.24
CA ILE A 224 10.07 1.44 2.89
C ILE A 224 11.32 1.67 3.71
N LEU A 225 11.80 0.63 4.41
CA LEU A 225 13.04 0.77 5.17
C LEU A 225 14.20 1.12 4.26
N ALA A 226 14.25 0.51 3.08
CA ALA A 226 15.32 0.82 2.12
C ALA A 226 15.18 2.26 1.60
N PHE A 227 13.94 2.67 1.28
CA PHE A 227 13.71 4.04 0.85
C PHE A 227 14.16 5.04 1.91
N LEU A 228 13.84 4.79 3.18
CA LEU A 228 14.22 5.71 4.24
C LEU A 228 15.73 5.71 4.46
N GLY A 229 16.38 4.55 4.29
CA GLY A 229 17.82 4.53 4.31
C GLY A 229 18.42 5.38 3.21
N LYS A 230 17.84 5.30 2.01
CA LYS A 230 18.32 6.13 0.91
C LYS A 230 18.11 7.61 1.20
N ALA A 231 16.96 7.96 1.78
CA ALA A 231 16.70 9.36 2.12
C ALA A 231 17.58 9.83 3.27
N GLY A 232 18.13 8.92 4.06
CA GLY A 232 19.00 9.25 5.16
C GLY A 232 18.43 8.99 6.55
N SER A 233 17.26 8.38 6.66
CA SER A 233 16.64 8.10 7.94
C SER A 233 16.62 6.60 8.22
N THR A 234 16.78 6.25 9.50
CA THR A 234 16.57 4.89 9.96
C THR A 234 15.16 4.73 10.47
N LEU A 235 14.72 3.49 10.45
CA LEU A 235 13.41 3.09 10.91
C LEU A 235 13.56 2.56 12.34
N PRO A 236 12.60 2.76 13.23
CA PRO A 236 12.76 2.25 14.59
C PRO A 236 12.72 0.73 14.62
N ALA A 237 13.22 0.19 15.73
CA ALA A 237 13.35 -1.26 15.91
C ALA A 237 12.19 -1.86 16.68
N GLN A 238 11.69 -1.18 17.71
CA GLN A 238 10.55 -1.71 18.45
C GLN A 238 9.39 -1.94 17.50
N PRO A 239 8.80 -3.15 17.49
CA PRO A 239 7.73 -3.41 16.50
C PRO A 239 6.48 -2.56 16.69
N ASP A 240 6.16 -2.15 17.91
CA ASP A 240 5.03 -1.25 18.11
C ASP A 240 5.34 0.14 17.57
N GLU A 241 6.56 0.64 17.83
CA GLU A 241 6.97 1.90 17.25
C GLU A 241 6.99 1.84 15.73
N GLN A 242 7.51 0.73 15.17
CA GLN A 242 7.45 0.56 13.72
C GLN A 242 6.01 0.53 13.23
N ALA A 243 5.12 -0.13 13.97
CA ALA A 243 3.73 -0.23 13.53
C ALA A 243 3.10 1.16 13.44
N PHE A 244 3.26 1.97 14.49
CA PHE A 244 2.70 3.32 14.45
C PHE A 244 3.34 4.14 13.34
N PHE A 245 4.67 4.06 13.21
CA PHE A 245 5.34 4.82 12.16
C PHE A 245 4.81 4.44 10.79
N LEU A 246 4.65 3.14 10.52
CA LEU A 246 4.25 2.69 9.19
C LEU A 246 2.77 2.96 8.92
N HIS A 247 1.92 2.85 9.95
CA HIS A 247 0.54 3.28 9.81
C HIS A 247 0.49 4.72 9.33
N ASP A 248 1.16 5.61 10.07
CA ASP A 248 1.14 7.03 9.72
C ASP A 248 1.76 7.27 8.35
N PHE A 249 2.83 6.54 8.03
CA PHE A 249 3.51 6.74 6.76
C PHE A 249 2.60 6.41 5.58
N ARG A 250 1.98 5.23 5.62
CA ARG A 250 1.12 4.83 4.51
C ARG A 250 -0.13 5.71 4.44
N TYR A 251 -0.68 6.10 5.60
CA TYR A 251 -1.84 6.99 5.59
C TYR A 251 -1.50 8.32 4.94
N ASP A 252 -0.39 8.94 5.37
CA ASP A 252 0.00 10.24 4.84
C ASP A 252 0.31 10.14 3.35
N GLY A 253 0.94 9.05 2.94
CA GLY A 253 1.20 8.87 1.51
C GLY A 253 -0.07 8.79 0.71
N TRP A 254 -1.07 8.06 1.22
CA TRP A 254 -2.36 7.96 0.56
C TRP A 254 -3.03 9.34 0.44
N LEU A 255 -3.05 10.10 1.54
CA LEU A 255 -3.66 11.43 1.52
C LEU A 255 -2.98 12.32 0.49
N ALA A 256 -1.64 12.37 0.52
CA ALA A 256 -0.92 13.24 -0.38
C ALA A 256 -1.12 12.82 -1.83
N ASP A 257 -1.10 11.52 -2.10
CA ASP A 257 -1.33 11.04 -3.46
C ASP A 257 -2.69 11.48 -3.96
N VAL A 258 -3.73 11.32 -3.13
CA VAL A 258 -5.08 11.71 -3.55
C VAL A 258 -5.12 13.19 -3.90
N TYR A 259 -4.61 14.05 -3.00
CA TYR A 259 -4.75 15.48 -3.24
C TYR A 259 -3.92 15.93 -4.44
N TYR A 260 -2.69 15.42 -4.58
CA TYR A 260 -1.88 15.81 -5.73
C TYR A 260 -2.49 15.30 -7.03
N ASN A 261 -3.14 14.13 -7.02
CA ASN A 261 -3.80 13.66 -8.22
C ASN A 261 -4.98 14.55 -8.59
N HIS A 262 -5.73 15.01 -7.59
CA HIS A 262 -6.79 15.97 -7.85
C HIS A 262 -6.22 17.24 -8.50
N LEU A 263 -5.14 17.78 -7.94
CA LEU A 263 -4.54 18.98 -8.50
C LEU A 263 -4.03 18.74 -9.93
N VAL A 264 -3.46 17.56 -10.18
CA VAL A 264 -2.92 17.28 -11.51
C VAL A 264 -4.07 17.15 -12.52
N ASP A 265 -5.20 16.60 -12.10
CA ASP A 265 -6.37 16.58 -12.97
C ASP A 265 -6.85 17.99 -13.28
N LEU A 266 -6.92 18.85 -12.26
CA LEU A 266 -7.29 20.24 -12.51
C LEU A 266 -6.33 20.88 -13.52
N MET A 267 -5.04 20.60 -13.41
CA MET A 267 -4.08 21.14 -14.37
C MET A 267 -4.34 20.60 -15.77
N SER A 268 -4.62 19.30 -15.88
CA SER A 268 -4.87 18.72 -17.19
C SER A 268 -5.93 19.49 -17.96
N ARG A 269 -7.01 19.87 -17.27
CA ARG A 269 -8.09 20.64 -17.88
C ARG A 269 -7.83 22.14 -17.91
N GLY A 270 -6.72 22.62 -17.34
CA GLY A 270 -6.46 24.03 -17.33
C GLY A 270 -7.20 24.81 -16.27
N ALA A 271 -7.68 24.14 -15.22
CA ALA A 271 -8.56 24.76 -14.24
C ALA A 271 -7.88 25.04 -12.91
N LEU A 272 -6.56 24.85 -12.81
CA LEU A 272 -5.83 25.20 -11.60
C LEU A 272 -5.44 26.67 -11.66
N GLU A 273 -5.96 27.46 -10.73
CA GLU A 273 -5.69 28.89 -10.71
C GLU A 273 -4.33 29.15 -10.09
N VAL A 274 -3.57 30.07 -10.67
CA VAL A 274 -2.30 30.47 -10.12
C VAL A 274 -2.54 31.63 -9.15
N VAL A 275 -1.97 31.50 -7.96
CA VAL A 275 -2.16 32.48 -6.90
C VAL A 275 -0.99 33.46 -6.94
N ASP A 276 -1.29 34.73 -6.65
CA ASP A 276 -0.25 35.75 -6.64
C ASP A 276 0.47 35.72 -5.29
N ILE A 277 0.94 34.55 -4.90
CA ILE A 277 1.64 34.34 -3.63
C ILE A 277 3.00 33.74 -3.98
N PRO A 278 4.10 34.33 -3.53
CA PRO A 278 5.42 33.76 -3.84
C PRO A 278 5.62 32.40 -3.19
N VAL A 279 6.48 31.60 -3.81
CA VAL A 279 6.81 30.26 -3.36
C VAL A 279 8.33 30.16 -3.19
N TRP A 280 8.76 29.77 -2.00
CA TRP A 280 10.16 29.45 -1.72
C TRP A 280 10.33 27.95 -1.72
N CYS A 281 11.34 27.46 -2.44
CA CYS A 281 11.68 26.05 -2.49
C CYS A 281 13.04 25.90 -1.81
N LEU A 282 13.03 25.37 -0.59
CA LEU A 282 14.25 25.09 0.17
C LEU A 282 14.62 23.63 -0.06
N VAL A 283 15.80 23.39 -0.59
CA VAL A 283 16.26 22.04 -0.90
C VAL A 283 17.70 21.88 -0.46
N GLY A 284 18.04 20.70 0.04
CA GLY A 284 19.43 20.36 0.25
C GLY A 284 20.05 19.89 -1.06
N SER A 285 21.32 20.29 -1.27
CA SER A 285 21.96 20.02 -2.55
C SER A 285 22.13 18.52 -2.80
N GLU A 286 22.36 17.75 -1.74
CA GLU A 286 22.58 16.31 -1.84
C GLU A 286 21.32 15.50 -1.57
N ASP A 287 20.15 16.08 -1.78
CA ASP A 287 18.90 15.37 -1.54
C ASP A 287 18.72 14.26 -2.59
N PRO A 288 18.75 12.99 -2.20
CA PRO A 288 18.60 11.92 -3.19
C PRO A 288 17.16 11.69 -3.65
N LEU A 289 16.20 12.41 -3.08
CA LEU A 289 14.79 12.21 -3.42
C LEU A 289 14.29 13.20 -4.45
N VAL A 290 14.97 14.32 -4.66
CA VAL A 290 14.58 15.29 -5.68
C VAL A 290 15.82 15.72 -6.43
N PRO A 291 16.65 14.80 -6.93
CA PRO A 291 17.94 15.21 -7.52
C PRO A 291 17.78 15.98 -8.81
N ASN A 292 16.57 15.98 -9.41
CA ASN A 292 16.30 16.69 -10.64
C ASN A 292 15.72 18.07 -10.39
N TYR A 293 15.94 18.65 -9.21
CA TYR A 293 15.29 19.90 -8.85
C TYR A 293 15.76 21.07 -9.70
N PRO A 294 17.02 21.12 -10.18
CA PRO A 294 17.44 22.30 -10.95
C PRO A 294 16.55 22.63 -12.13
N VAL A 295 15.83 21.63 -12.66
CA VAL A 295 14.89 21.85 -13.74
C VAL A 295 13.44 21.78 -13.28
N ARG A 296 13.15 21.09 -12.17
CA ARG A 296 11.77 20.85 -11.76
C ARG A 296 11.28 21.79 -10.67
N PHE A 297 12.17 22.50 -9.98
CA PHE A 297 11.72 23.35 -8.88
C PHE A 297 10.81 24.47 -9.38
N GLN A 298 10.99 24.88 -10.63
CA GLN A 298 10.19 25.93 -11.25
C GLN A 298 8.76 25.48 -11.53
N ASP A 299 8.46 24.19 -11.39
CA ASP A 299 7.09 23.72 -11.57
C ASP A 299 6.16 24.17 -10.46
N TRP A 300 6.67 24.82 -9.42
CA TRP A 300 5.79 25.46 -8.45
C TRP A 300 5.10 26.69 -9.03
N SER A 301 5.44 27.09 -10.25
CA SER A 301 4.74 28.17 -10.93
C SER A 301 3.28 27.85 -11.17
N HIS A 302 2.92 26.56 -11.21
CA HIS A 302 1.53 26.17 -11.35
C HIS A 302 0.70 26.57 -10.14
N ILE A 303 1.34 26.74 -8.98
CA ILE A 303 0.67 27.08 -7.73
C ILE A 303 0.78 28.56 -7.43
N GLY A 304 1.99 29.12 -7.55
CA GLY A 304 2.20 30.51 -7.20
C GLY A 304 3.43 31.06 -7.91
N ARG A 305 3.51 32.38 -7.94
CA ARG A 305 4.64 33.07 -8.55
C ARG A 305 4.90 34.35 -7.77
N PRO A 306 6.16 34.80 -7.71
CA PRO A 306 7.37 34.17 -8.27
C PRO A 306 7.86 33.00 -7.41
N VAL A 307 8.79 32.22 -7.93
CA VAL A 307 9.35 31.07 -7.21
C VAL A 307 10.81 31.36 -6.93
N GLN A 308 11.22 31.21 -5.67
CA GLN A 308 12.58 31.46 -5.22
C GLN A 308 13.20 30.16 -4.74
N LEU A 309 14.46 29.95 -5.12
CA LEU A 309 15.21 28.76 -4.72
C LEU A 309 16.28 29.12 -3.72
N VAL A 310 16.32 28.38 -2.62
CA VAL A 310 17.40 28.44 -1.64
C VAL A 310 18.02 27.05 -1.57
N GLU A 311 19.31 26.97 -1.77
CA GLU A 311 20.04 25.72 -1.91
C GLU A 311 20.99 25.58 -0.73
N TYR A 312 20.90 24.47 -0.01
CA TYR A 312 21.72 24.22 1.17
C TYR A 312 22.79 23.20 0.81
N ALA A 313 24.03 23.67 0.70
CA ALA A 313 25.12 22.85 0.16
C ALA A 313 25.55 21.78 1.15
N GLY A 314 25.82 20.59 0.63
CA GLY A 314 26.31 19.50 1.44
C GLY A 314 25.28 18.85 2.34
N ILE A 315 24.01 19.21 2.18
CA ILE A 315 22.93 18.71 3.00
C ILE A 315 21.98 17.87 2.17
N GLY A 316 21.41 16.85 2.80
CA GLY A 316 20.51 15.93 2.15
C GLY A 316 19.06 16.36 2.29
N HIS A 317 18.17 15.37 2.36
CA HIS A 317 16.74 15.67 2.36
C HIS A 317 16.26 16.28 3.68
N TYR A 318 16.75 15.78 4.81
CA TYR A 318 16.18 16.13 6.11
C TYR A 318 16.77 17.44 6.61
N LEU A 319 16.24 18.54 6.06
CA LEU A 319 16.70 19.86 6.45
C LEU A 319 16.40 20.13 7.91
N LEU A 320 15.24 19.70 8.39
CA LEU A 320 14.85 19.95 9.77
C LEU A 320 15.67 19.14 10.78
N ARG A 321 16.40 18.12 10.32
CA ARG A 321 17.29 17.36 11.19
C ARG A 321 18.71 17.88 11.13
N ASP A 322 19.15 18.35 9.98
CA ASP A 322 20.55 18.70 9.75
C ASP A 322 20.83 20.20 9.78
N CYS A 323 19.85 21.05 9.44
CA CYS A 323 20.05 22.49 9.52
C CYS A 323 18.77 23.20 9.92
N PRO A 324 18.18 22.87 11.06
CA PRO A 324 16.95 23.57 11.47
C PRO A 324 17.14 25.06 11.66
N GLU A 325 18.26 25.49 12.24
CA GLU A 325 18.51 26.91 12.43
C GLU A 325 18.45 27.66 11.10
N ALA A 326 18.97 27.05 10.03
CA ALA A 326 18.94 27.69 8.73
C ALA A 326 17.53 27.76 8.17
N ILE A 327 16.66 26.80 8.52
CA ILE A 327 15.27 26.86 8.08
C ILE A 327 14.53 27.97 8.80
N ALA A 328 14.80 28.14 10.09
CA ALA A 328 14.23 29.30 10.80
C ALA A 328 14.73 30.59 10.16
N ARG A 329 16.01 30.62 9.77
CA ARG A 329 16.57 31.80 9.11
C ARG A 329 15.87 32.05 7.78
N ALA A 330 15.54 30.99 7.05
CA ALA A 330 14.83 31.15 5.79
C ALA A 330 13.42 31.68 6.01
N VAL A 331 12.74 31.22 7.07
CA VAL A 331 11.40 31.71 7.35
C VAL A 331 11.43 33.20 7.72
N GLY A 332 12.40 33.59 8.54
CA GLY A 332 12.55 35.01 8.85
C GLY A 332 12.84 35.84 7.61
N SER A 333 13.69 35.32 6.73
CA SER A 333 13.98 36.01 5.48
C SER A 333 12.72 36.15 4.62
N VAL A 334 11.92 35.09 4.53
CA VAL A 334 10.68 35.14 3.77
C VAL A 334 9.76 36.22 4.33
N TRP A 335 9.62 36.27 5.66
CA TRP A 335 8.77 37.29 6.25
C TRP A 335 9.26 38.69 5.91
N GLU A 336 10.55 38.96 6.09
CA GLU A 336 11.05 40.30 5.77
C GLU A 336 10.93 40.60 4.29
N HIS A 337 10.97 39.58 3.42
CA HIS A 337 10.76 39.82 2.00
C HIS A 337 9.32 40.21 1.71
N VAL A 338 8.36 39.67 2.47
CA VAL A 338 6.96 39.96 2.21
C VAL A 338 6.38 40.89 3.28
N SER A 339 7.25 41.58 4.02
CA SER A 339 6.79 42.46 5.09
C SER A 339 6.05 43.65 4.51
N CYS A 340 6.54 44.18 3.38
CA CYS A 340 5.97 45.36 2.75
C CYS A 340 5.68 45.07 1.28
N MET B 20 24.39 -25.34 -17.57
CA MET B 20 23.11 -24.91 -17.02
C MET B 20 22.76 -25.72 -15.77
N GLU B 21 23.22 -26.96 -15.73
CA GLU B 21 23.00 -27.81 -14.56
C GLU B 21 23.74 -27.28 -13.34
N ARG B 22 24.99 -26.83 -13.54
CA ARG B 22 25.76 -26.23 -12.45
C ARG B 22 25.10 -24.96 -11.95
N LEU B 23 24.48 -24.18 -12.84
CA LEU B 23 23.80 -22.97 -12.42
C LEU B 23 22.64 -23.28 -11.48
N THR B 24 21.82 -24.29 -11.82
CA THR B 24 20.72 -24.66 -10.94
C THR B 24 21.23 -25.29 -9.66
N GLU B 25 22.34 -26.03 -9.71
CA GLU B 25 22.94 -26.55 -8.48
C GLU B 25 23.32 -25.40 -7.55
N ILE B 26 23.93 -24.35 -8.09
CA ILE B 26 24.29 -23.20 -7.27
C ILE B 26 23.04 -22.51 -6.74
N PHE B 27 21.99 -22.41 -7.56
CA PHE B 27 20.76 -21.77 -7.12
C PHE B 27 20.13 -22.54 -5.96
N ARG B 28 20.12 -23.88 -6.04
CA ARG B 28 19.63 -24.70 -4.95
C ARG B 28 20.54 -24.62 -3.73
N GLY B 29 21.84 -24.36 -3.94
CA GLY B 29 22.78 -24.30 -2.84
C GLY B 29 22.52 -23.18 -1.86
N VAL B 30 21.92 -22.08 -2.32
CA VAL B 30 21.74 -20.93 -1.44
C VAL B 30 20.60 -21.18 -0.46
N LEU B 31 19.64 -22.02 -0.84
CA LEU B 31 18.48 -22.29 0.01
C LEU B 31 18.78 -23.49 0.91
N GLY B 32 19.75 -23.28 1.81
CA GLY B 32 20.06 -24.25 2.84
C GLY B 32 21.51 -24.69 2.95
N HIS B 33 21.75 -25.95 2.63
CA HIS B 33 23.01 -26.63 2.90
C HIS B 33 23.59 -27.22 1.62
N ALA B 34 24.80 -27.75 1.74
CA ALA B 34 25.45 -28.44 0.63
C ALA B 34 25.25 -29.96 0.67
N ALA B 35 24.73 -30.51 1.76
CA ALA B 35 24.56 -31.96 1.85
C ALA B 35 23.46 -32.50 0.96
N PHE B 36 23.61 -32.35 -0.35
CA PHE B 36 22.63 -32.88 -1.29
C PHE B 36 23.28 -33.00 -2.66
N GLY B 37 22.86 -34.03 -3.40
CA GLY B 37 23.32 -34.26 -4.75
C GLY B 37 22.23 -33.96 -5.76
N ILE B 38 22.45 -34.44 -6.99
CA ILE B 38 21.55 -34.12 -8.09
C ILE B 38 20.40 -35.10 -8.22
N ARG B 39 20.29 -36.07 -7.31
CA ARG B 39 19.16 -36.99 -7.31
C ARG B 39 18.31 -36.91 -6.05
N ASP B 40 18.60 -35.99 -5.14
CA ASP B 40 17.83 -35.88 -3.91
C ASP B 40 16.57 -35.05 -4.15
N ASP B 41 15.47 -35.46 -3.51
CA ASP B 41 14.20 -34.77 -3.69
C ASP B 41 14.28 -33.36 -3.15
N PHE B 42 13.60 -32.43 -3.81
CA PHE B 42 13.63 -31.04 -3.39
C PHE B 42 12.99 -30.86 -2.02
N PHE B 43 12.00 -31.69 -1.69
CA PHE B 43 11.28 -31.53 -0.43
C PHE B 43 11.95 -32.25 0.72
N ASP B 44 12.73 -33.30 0.43
CA ASP B 44 13.46 -34.03 1.46
C ASP B 44 14.62 -33.25 2.05
N LEU B 45 14.86 -32.01 1.60
CA LEU B 45 15.98 -31.22 2.11
C LEU B 45 15.56 -29.77 2.30
N GLY B 46 14.32 -29.56 2.72
CA GLY B 46 13.86 -28.26 3.13
C GLY B 46 13.06 -27.52 2.09
N GLY B 47 12.74 -28.15 0.96
CA GLY B 47 12.09 -27.45 -0.11
C GLY B 47 10.60 -27.32 0.09
N ASP B 48 10.06 -26.23 -0.46
CA ASP B 48 8.62 -26.02 -0.45
C ASP B 48 8.25 -24.96 -1.49
N SER B 49 6.93 -24.75 -1.60
CA SER B 49 6.25 -23.67 -2.28
C SER B 49 7.09 -22.40 -2.28
N PHE B 50 7.29 -21.78 -1.13
CA PHE B 50 8.20 -20.63 -1.01
C PHE B 50 9.52 -21.38 -1.13
N LYS B 51 10.53 -20.86 -1.82
CA LYS B 51 11.88 -21.48 -1.98
C LYS B 51 11.83 -22.29 -3.28
N ALA B 52 10.67 -22.51 -3.91
CA ALA B 52 10.52 -23.08 -5.28
C ALA B 52 10.17 -21.91 -6.17
N ILE B 53 9.36 -20.96 -5.68
CA ILE B 53 9.13 -19.70 -6.37
C ILE B 53 10.45 -18.94 -6.53
N ARG B 54 11.25 -18.89 -5.46
CA ARG B 54 12.54 -18.20 -5.51
C ARG B 54 13.47 -18.85 -6.52
N ILE B 55 13.48 -20.18 -6.60
CA ILE B 55 14.32 -20.86 -7.58
C ILE B 55 13.87 -20.50 -9.00
N ALA B 56 12.56 -20.58 -9.26
CA ALA B 56 12.07 -20.28 -10.60
C ALA B 56 12.38 -18.84 -11.01
N ALA B 57 12.38 -17.92 -10.05
CA ALA B 57 12.71 -16.53 -10.38
C ALA B 57 14.22 -16.31 -10.53
N LYS B 58 15.02 -16.98 -9.69
CA LYS B 58 16.47 -16.78 -9.71
C LYS B 58 17.09 -17.37 -10.97
N TYR B 59 16.64 -18.57 -11.35
CA TYR B 59 17.15 -19.15 -12.60
C TYR B 59 16.69 -18.32 -13.79
N GLY B 60 15.39 -17.97 -13.81
CA GLY B 60 14.81 -17.23 -14.90
C GLY B 60 14.13 -18.19 -15.86
N PRO B 61 13.53 -17.68 -16.92
CA PRO B 61 12.89 -18.57 -17.90
C PRO B 61 13.94 -19.47 -18.52
N PRO B 62 13.53 -20.59 -19.14
CA PRO B 62 12.22 -21.21 -19.36
C PRO B 62 11.66 -21.94 -18.14
N LEU B 63 12.32 -21.88 -16.99
CA LEU B 63 11.89 -22.66 -15.84
C LEU B 63 10.67 -22.05 -15.17
N GLU B 64 9.65 -22.88 -14.98
CA GLU B 64 8.42 -22.53 -14.29
C GLU B 64 8.40 -23.24 -12.94
N VAL B 65 7.75 -22.61 -11.97
CA VAL B 65 7.74 -23.18 -10.62
C VAL B 65 7.07 -24.54 -10.62
N THR B 66 6.01 -24.71 -11.42
CA THR B 66 5.33 -26.00 -11.48
C THR B 66 6.22 -27.08 -12.09
N ASP B 67 7.21 -26.68 -12.91
CA ASP B 67 8.16 -27.64 -13.43
C ASP B 67 9.01 -28.25 -12.32
N ILE B 68 9.08 -27.61 -11.16
CA ILE B 68 9.86 -28.16 -10.06
C ILE B 68 9.08 -29.25 -9.29
N TYR B 69 7.75 -29.19 -9.30
CA TYR B 69 7.01 -30.22 -8.57
C TYR B 69 7.01 -31.53 -9.35
N ASP B 70 6.83 -31.47 -10.66
CA ASP B 70 7.24 -32.58 -11.50
C ASP B 70 8.74 -32.45 -11.73
N HIS B 71 9.38 -33.53 -12.13
CA HIS B 71 10.82 -33.52 -12.28
C HIS B 71 11.46 -32.86 -11.06
N PRO B 72 11.35 -33.47 -9.88
CA PRO B 72 11.75 -32.79 -8.63
C PRO B 72 13.22 -32.92 -8.25
N THR B 73 14.08 -33.36 -9.16
CA THR B 73 15.51 -33.46 -8.92
C THR B 73 16.25 -32.61 -9.95
N ILE B 74 17.49 -32.23 -9.62
CA ILE B 74 18.23 -31.35 -10.50
C ILE B 74 18.47 -32.02 -11.85
N GLU B 75 18.66 -33.34 -11.85
CA GLU B 75 18.89 -34.05 -13.10
C GLU B 75 17.65 -34.05 -13.98
N ALA B 76 16.50 -34.45 -13.41
CA ALA B 76 15.27 -34.48 -14.19
C ALA B 76 14.84 -33.07 -14.61
N LEU B 77 15.01 -32.09 -13.73
CA LEU B 77 14.66 -30.72 -14.06
C LEU B 77 15.57 -30.18 -15.15
N ALA B 78 16.85 -30.53 -15.11
CA ALA B 78 17.79 -30.09 -16.13
C ALA B 78 17.48 -30.76 -17.46
N GLU B 79 16.97 -32.00 -17.42
CA GLU B 79 16.52 -32.66 -18.64
C GLU B 79 15.32 -31.92 -19.24
N HIS B 80 14.33 -31.59 -18.40
CA HIS B 80 13.20 -30.80 -18.89
C HIS B 80 13.67 -29.48 -19.49
N LEU B 81 14.46 -28.71 -18.74
CA LEU B 81 15.06 -27.48 -19.24
C LEU B 81 15.98 -27.76 -20.42
N HIS B 83 15.00 -29.79 -23.86
CA HIS B 83 13.68 -30.36 -24.08
C HIS B 83 12.58 -29.36 -23.70
N ALA B 84 12.92 -28.07 -23.69
CA ALA B 84 12.01 -27.00 -23.29
C ALA B 84 11.55 -26.23 -24.52
N SER B 85 10.83 -25.13 -24.31
CA SER B 85 10.36 -24.24 -25.36
C SER B 85 10.73 -22.81 -25.02
N GLU B 86 10.74 -21.94 -26.05
CA GLU B 86 11.06 -20.53 -25.88
C GLU B 86 9.86 -19.62 -26.12
N GLU B 87 8.75 -20.16 -26.62
CA GLU B 87 7.55 -19.39 -26.90
C GLU B 87 6.85 -19.06 -25.58
N SER B 88 7.27 -17.97 -24.94
CA SER B 88 6.67 -17.55 -23.69
C SER B 88 5.16 -17.45 -23.83
N SER B 89 4.45 -18.15 -22.95
CA SER B 89 3.00 -18.16 -22.95
C SER B 89 2.47 -17.69 -21.60
N SER B 90 1.23 -17.22 -21.60
CA SER B 90 0.56 -16.77 -20.39
C SER B 90 -0.09 -17.91 -19.62
N ILE B 91 -0.05 -19.13 -20.15
CA ILE B 91 -0.68 -20.29 -19.52
C ILE B 91 0.31 -21.44 -19.51
N VAL B 92 0.12 -22.35 -18.56
CA VAL B 92 0.96 -23.53 -18.41
C VAL B 92 0.04 -24.73 -18.26
N LEU B 93 0.23 -25.74 -19.10
CA LEU B 93 -0.59 -26.93 -18.99
C LEU B 93 -0.21 -27.68 -17.72
N MET B 94 -1.20 -28.00 -16.92
CA MET B 94 -0.98 -28.65 -15.65
C MET B 94 -1.58 -30.04 -15.57
N ALA B 95 -2.63 -30.31 -16.35
CA ALA B 95 -3.18 -31.67 -16.34
C ALA B 95 -3.86 -31.95 -17.66
N GLY B 96 -3.84 -33.22 -18.07
CA GLY B 96 -4.52 -33.62 -19.28
C GLY B 96 -3.75 -33.29 -20.53
N ASP B 97 -4.41 -33.53 -21.66
CA ASP B 97 -3.85 -33.19 -22.97
C ASP B 97 -4.95 -32.59 -23.85
N PRO B 98 -4.78 -31.37 -24.37
CA PRO B 98 -5.84 -30.79 -25.21
C PRO B 98 -6.19 -31.63 -26.43
N ALA B 99 -5.25 -32.44 -26.93
CA ALA B 99 -5.54 -33.28 -28.08
C ALA B 99 -6.53 -34.37 -27.71
N THR B 100 -6.37 -34.96 -26.52
CA THR B 100 -7.20 -36.06 -26.05
C THR B 100 -8.40 -35.61 -25.23
N ALA B 101 -8.44 -34.34 -24.83
CA ALA B 101 -9.42 -33.89 -23.86
C ALA B 101 -10.76 -33.52 -24.49
N LYS B 102 -11.79 -33.48 -23.65
CA LYS B 102 -13.12 -33.07 -24.06
C LYS B 102 -13.50 -31.68 -23.55
N ALA B 103 -12.73 -31.11 -22.61
CA ALA B 103 -13.00 -29.79 -22.07
C ALA B 103 -11.70 -29.24 -21.50
N VAL B 104 -11.69 -27.93 -21.24
CA VAL B 104 -10.53 -27.25 -20.68
C VAL B 104 -10.98 -26.41 -19.50
N VAL B 105 -10.10 -26.23 -18.53
CA VAL B 105 -10.33 -25.38 -17.37
C VAL B 105 -9.14 -24.44 -17.21
N VAL B 106 -9.43 -23.15 -17.16
CA VAL B 106 -8.42 -22.09 -17.06
C VAL B 106 -8.45 -21.60 -15.62
N CYS B 107 -7.35 -21.79 -14.90
CA CYS B 107 -7.33 -21.60 -13.45
C CYS B 107 -6.51 -20.36 -13.09
N VAL B 108 -7.13 -19.46 -12.33
CA VAL B 108 -6.50 -18.22 -11.87
C VAL B 108 -6.37 -18.28 -10.35
N ALA B 109 -5.16 -18.06 -9.86
CA ALA B 109 -4.84 -18.25 -8.45
C ALA B 109 -5.11 -17.00 -7.61
N ASN B 110 -5.03 -17.18 -6.29
CA ASN B 110 -5.27 -16.09 -5.35
C ASN B 110 -4.03 -15.20 -5.20
N ALA B 111 -4.12 -14.22 -4.30
CA ALA B 111 -3.05 -13.24 -4.15
C ALA B 111 -1.76 -13.89 -3.71
N ALA B 112 -0.65 -13.41 -4.27
CA ALA B 112 0.70 -13.91 -4.01
C ALA B 112 0.90 -15.32 -4.55
N GLY B 113 -0.05 -15.84 -5.33
CA GLY B 113 -0.03 -17.20 -5.78
C GLY B 113 0.20 -17.32 -7.28
N GLY B 114 -0.09 -18.51 -7.79
CA GLY B 114 0.08 -18.80 -9.19
C GLY B 114 -0.29 -20.25 -9.46
N PRO B 115 0.16 -20.79 -10.59
CA PRO B 115 -0.12 -22.21 -10.88
C PRO B 115 0.24 -23.15 -9.76
N VAL B 116 1.21 -22.81 -8.90
CA VAL B 116 1.58 -23.68 -7.79
C VAL B 116 0.33 -24.10 -7.02
N ASN B 117 -0.58 -23.16 -6.77
CA ASN B 117 -1.74 -23.42 -5.94
C ASN B 117 -2.56 -24.61 -6.43
N PHE B 118 -2.48 -24.95 -7.71
CA PHE B 118 -3.35 -25.97 -8.27
C PHE B 118 -2.68 -27.32 -8.43
N VAL B 119 -1.41 -27.45 -8.00
CA VAL B 119 -0.68 -28.70 -8.22
C VAL B 119 -1.48 -29.88 -7.71
N ASP B 120 -1.80 -29.88 -6.42
CA ASP B 120 -2.60 -30.97 -5.85
C ASP B 120 -3.86 -31.20 -6.67
N MET B 121 -4.59 -30.12 -6.98
CA MET B 121 -5.81 -30.25 -7.76
C MET B 121 -5.52 -30.96 -9.08
N SER B 122 -4.44 -30.54 -9.76
CA SER B 122 -4.09 -31.18 -11.02
C SER B 122 -3.82 -32.67 -10.82
N ARG B 123 -3.14 -33.02 -9.73
CA ARG B 123 -2.84 -34.43 -9.45
C ARG B 123 -4.11 -35.23 -9.18
N ALA B 124 -5.22 -34.57 -8.86
CA ALA B 124 -6.49 -35.25 -8.73
C ALA B 124 -7.33 -35.18 -10.01
N MET B 125 -6.99 -34.30 -10.94
CA MET B 125 -7.81 -34.17 -12.14
C MET B 125 -7.90 -35.46 -12.94
N PRO B 126 -6.81 -36.22 -13.15
CA PRO B 126 -6.93 -37.49 -13.86
C PRO B 126 -7.90 -38.48 -13.23
N GLU B 127 -8.14 -38.39 -11.92
CA GLU B 127 -9.00 -39.34 -11.23
C GLU B 127 -10.37 -38.78 -10.87
N GLN B 128 -10.55 -37.45 -10.93
CA GLN B 128 -11.82 -36.84 -10.58
C GLN B 128 -12.51 -36.14 -11.76
N ALA B 129 -11.79 -35.77 -12.81
CA ALA B 129 -12.35 -35.17 -14.01
C ALA B 129 -11.43 -35.49 -15.18
N SER B 130 -11.49 -36.73 -15.65
CA SER B 130 -10.57 -37.22 -16.66
C SER B 130 -10.77 -36.54 -18.01
N ASP B 131 -11.95 -35.99 -18.28
CA ASP B 131 -12.23 -35.38 -19.58
C ASP B 131 -11.72 -33.96 -19.71
N VAL B 132 -11.25 -33.34 -18.62
CA VAL B 132 -10.93 -31.92 -18.58
C VAL B 132 -9.44 -31.75 -18.47
N ALA B 133 -8.86 -30.95 -19.37
CA ALA B 133 -7.48 -30.51 -19.26
C ALA B 133 -7.42 -29.26 -18.40
N MET B 134 -6.30 -29.06 -17.73
CA MET B 134 -6.13 -27.95 -16.80
C MET B 134 -4.94 -27.12 -17.25
N PHE B 135 -5.21 -25.84 -17.55
CA PHE B 135 -4.21 -24.81 -17.77
C PHE B 135 -4.23 -23.83 -16.60
N GLY B 136 -3.06 -23.41 -16.15
CA GLY B 136 -2.93 -22.40 -15.10
C GLY B 136 -2.46 -21.08 -15.69
N VAL B 137 -3.05 -19.99 -15.23
CA VAL B 137 -2.69 -18.66 -15.71
C VAL B 137 -1.47 -18.17 -14.94
N LYS B 138 -0.47 -17.70 -15.68
CA LYS B 138 0.75 -17.15 -15.10
C LYS B 138 0.57 -15.65 -14.85
N LEU B 139 1.00 -15.20 -13.66
CA LEU B 139 0.81 -13.83 -13.23
C LEU B 139 2.10 -13.06 -13.39
N PRO B 140 2.24 -12.22 -14.42
CA PRO B 140 3.54 -11.52 -14.62
C PRO B 140 3.84 -10.50 -13.54
N ARG B 141 2.81 -9.87 -12.98
CA ARG B 141 3.00 -8.76 -12.03
C ARG B 141 3.83 -7.67 -12.69
N THR B 142 3.41 -7.26 -13.88
CA THR B 142 4.05 -6.18 -14.61
C THR B 142 4.00 -4.89 -13.82
N GLU B 143 5.13 -4.18 -13.80
CA GLU B 143 5.19 -2.91 -13.10
C GLU B 143 4.34 -1.86 -13.81
N VAL B 144 3.53 -1.15 -13.04
CA VAL B 144 2.71 -0.05 -13.56
C VAL B 144 2.84 1.12 -12.59
N ASP B 145 2.59 2.31 -13.12
CA ASP B 145 2.82 3.56 -12.39
C ASP B 145 1.52 4.31 -12.12
N SER B 146 0.37 3.69 -12.35
CA SER B 146 -0.91 4.36 -12.20
C SER B 146 -2.00 3.31 -12.06
N ASP B 147 -3.13 3.72 -11.50
CA ASP B 147 -4.30 2.84 -11.45
C ASP B 147 -4.89 2.63 -12.84
N GLY B 148 -4.91 3.69 -13.66
CA GLY B 148 -5.37 3.53 -15.02
C GLY B 148 -4.45 2.62 -15.82
N ALA B 149 -3.15 2.75 -15.61
CA ALA B 149 -2.21 1.81 -16.19
C ALA B 149 -2.46 0.40 -15.68
N MET B 150 -2.90 0.24 -14.43
CA MET B 150 -3.22 -1.09 -13.92
C MET B 150 -4.44 -1.67 -14.62
N LEU B 151 -5.45 -0.85 -14.91
CA LEU B 151 -6.61 -1.37 -15.63
C LEU B 151 -6.20 -1.76 -17.05
N GLU B 152 -5.33 -0.96 -17.67
CA GLU B 152 -4.77 -1.32 -18.96
C GLU B 152 -3.98 -2.63 -18.88
N GLU B 153 -3.32 -2.87 -17.75
CA GLU B 153 -2.57 -4.12 -17.57
C GLU B 153 -3.51 -5.30 -17.42
N VAL B 154 -4.62 -5.13 -16.69
CA VAL B 154 -5.62 -6.17 -16.61
C VAL B 154 -6.11 -6.53 -18.01
N ARG B 155 -6.37 -5.51 -18.82
CA ARG B 155 -6.81 -5.74 -20.20
C ARG B 155 -5.75 -6.51 -20.99
N ARG B 156 -4.49 -6.07 -20.90
CA ARG B 156 -3.41 -6.72 -21.62
C ARG B 156 -3.27 -8.19 -21.22
N LEU B 157 -3.32 -8.46 -19.92
CA LEU B 157 -3.08 -9.82 -19.44
C LEU B 157 -4.26 -10.73 -19.79
N SER B 158 -5.49 -10.24 -19.64
CA SER B 158 -6.64 -11.05 -20.01
C SER B 158 -6.62 -11.35 -21.50
N ASN B 159 -6.23 -10.38 -22.32
CA ASN B 159 -6.16 -10.61 -23.76
C ASN B 159 -5.03 -11.58 -24.11
N ALA B 160 -3.92 -11.55 -23.37
CA ALA B 160 -2.86 -12.52 -23.60
C ALA B 160 -3.33 -13.93 -23.25
N VAL B 161 -4.02 -14.08 -22.13
CA VAL B 161 -4.53 -15.40 -21.74
C VAL B 161 -5.51 -15.90 -22.78
N CYS B 162 -6.43 -15.04 -23.22
CA CYS B 162 -7.39 -15.45 -24.24
C CYS B 162 -6.68 -15.85 -25.53
N ASP B 163 -5.68 -15.07 -25.95
CA ASP B 163 -4.98 -15.38 -27.18
C ASP B 163 -4.30 -16.73 -27.10
N ASP B 164 -3.53 -16.97 -26.04
CA ASP B 164 -2.79 -18.23 -25.93
C ASP B 164 -3.74 -19.42 -25.75
N LEU B 165 -4.85 -19.23 -25.04
CA LEU B 165 -5.80 -20.33 -24.87
C LEU B 165 -6.46 -20.67 -26.20
N LEU B 166 -7.01 -19.67 -26.89
CA LEU B 166 -7.67 -19.91 -28.17
C LEU B 166 -6.69 -20.33 -29.25
N ALA B 167 -5.40 -20.10 -29.05
CA ALA B 167 -4.39 -20.67 -29.95
C ALA B 167 -3.98 -22.08 -29.54
N ALA B 168 -4.29 -22.49 -28.31
CA ALA B 168 -3.96 -23.83 -27.84
C ALA B 168 -5.09 -24.84 -28.00
N THR B 169 -6.34 -24.39 -27.95
CA THR B 169 -7.48 -25.32 -27.97
C THR B 169 -8.74 -24.57 -28.37
N ASP B 170 -9.69 -25.32 -28.92
CA ASP B 170 -11.03 -24.80 -29.18
C ASP B 170 -12.08 -25.61 -28.41
N LEU B 171 -11.70 -26.24 -27.30
CA LEU B 171 -12.61 -27.06 -26.54
C LEU B 171 -13.49 -26.20 -25.64
N PRO B 172 -14.64 -26.72 -25.21
CA PRO B 172 -15.45 -25.98 -24.23
C PRO B 172 -14.65 -25.66 -22.99
N ALA B 173 -14.79 -24.43 -22.51
CA ALA B 173 -13.93 -23.88 -21.49
C ALA B 173 -14.69 -23.53 -20.22
N ILE B 174 -14.09 -23.88 -19.08
CA ILE B 174 -14.53 -23.44 -17.77
C ILE B 174 -13.43 -22.53 -17.23
N VAL B 175 -13.83 -21.42 -16.61
CA VAL B 175 -12.88 -20.53 -15.94
C VAL B 175 -13.06 -20.74 -14.45
N PHE B 176 -11.98 -21.12 -13.76
CA PHE B 176 -11.97 -21.29 -12.32
C PHE B 176 -11.11 -20.21 -11.68
N ALA B 177 -11.61 -19.63 -10.59
CA ALA B 177 -10.91 -18.57 -9.89
C ALA B 177 -10.90 -18.87 -8.40
N GLN B 178 -9.78 -18.60 -7.75
CA GLN B 178 -9.65 -18.74 -6.30
C GLN B 178 -9.52 -17.36 -5.68
N ALA B 179 -10.58 -16.92 -5.00
CA ALA B 179 -10.55 -15.68 -4.22
C ALA B 179 -10.14 -14.47 -5.04
N ASN B 180 -8.99 -13.88 -4.74
CA ASN B 180 -8.59 -12.63 -5.38
C ASN B 180 -8.53 -12.77 -6.90
N GLY B 181 -8.08 -13.95 -7.37
CA GLY B 181 -7.99 -14.19 -8.81
C GLY B 181 -9.28 -13.94 -9.54
N SER B 182 -10.41 -14.02 -8.82
CA SER B 182 -11.70 -13.69 -9.39
C SER B 182 -11.58 -12.49 -10.31
N ALA B 183 -10.93 -11.41 -9.83
CA ALA B 183 -10.79 -10.21 -10.63
C ALA B 183 -10.39 -10.57 -12.06
N LEU B 184 -9.14 -11.02 -12.24
CA LEU B 184 -8.66 -11.29 -13.59
C LEU B 184 -9.57 -12.29 -14.28
N ALA B 185 -10.02 -13.31 -13.55
CA ALA B 185 -10.87 -14.33 -14.16
C ALA B 185 -12.07 -13.68 -14.83
N LEU B 186 -12.75 -12.78 -14.11
CA LEU B 186 -13.88 -12.09 -14.69
C LEU B 186 -13.49 -11.50 -16.05
N ALA B 187 -12.43 -10.68 -16.05
CA ALA B 187 -11.95 -10.09 -17.30
C ALA B 187 -11.84 -11.16 -18.38
N ILE B 188 -11.09 -12.23 -18.08
CA ILE B 188 -10.87 -13.28 -19.07
C ILE B 188 -12.21 -13.77 -19.59
N THR B 189 -13.10 -14.14 -18.68
CA THR B 189 -14.40 -14.66 -19.10
C THR B 189 -15.05 -13.69 -20.08
N ARG B 190 -15.08 -12.41 -19.71
CA ARG B 190 -15.76 -11.42 -20.54
C ARG B 190 -15.09 -11.30 -21.90
N GLU B 191 -13.76 -11.29 -21.93
CA GLU B 191 -13.09 -11.27 -23.23
C GLU B 191 -13.50 -12.49 -24.05
N LEU B 192 -13.51 -13.67 -23.43
CA LEU B 192 -13.86 -14.87 -24.19
C LEU B 192 -15.30 -14.81 -24.66
N VAL B 193 -16.15 -14.00 -24.02
CA VAL B 193 -17.51 -13.82 -24.51
C VAL B 193 -17.52 -12.81 -25.66
N ARG B 194 -16.69 -11.77 -25.56
CA ARG B 194 -16.61 -10.79 -26.65
C ARG B 194 -16.12 -11.46 -27.93
N ARG B 195 -15.16 -12.38 -27.80
CA ARG B 195 -14.67 -13.14 -28.94
C ARG B 195 -15.57 -14.31 -29.30
N SER B 196 -16.69 -14.49 -28.59
CA SER B 196 -17.62 -15.57 -28.86
C SER B 196 -16.91 -16.92 -28.90
N ALA B 197 -15.96 -17.11 -27.97
CA ALA B 197 -15.33 -18.39 -27.81
C ALA B 197 -16.23 -19.30 -26.98
N ASP B 198 -15.93 -20.60 -27.00
CA ASP B 198 -16.81 -21.59 -26.37
C ASP B 198 -16.46 -21.68 -24.88
N VAL B 199 -16.94 -20.70 -24.13
CA VAL B 199 -16.89 -20.74 -22.66
C VAL B 199 -18.29 -21.08 -22.17
N ARG B 200 -18.37 -22.06 -21.27
CA ARG B 200 -19.64 -22.58 -20.81
C ARG B 200 -19.88 -22.43 -19.31
N ALA B 201 -18.89 -21.97 -18.55
CA ALA B 201 -19.07 -21.90 -17.11
C ALA B 201 -17.97 -21.06 -16.48
N LEU B 202 -18.33 -20.35 -15.42
CA LEU B 202 -17.38 -19.63 -14.57
C LEU B 202 -17.50 -20.14 -13.14
N CYS B 203 -16.40 -20.64 -12.60
CA CYS B 203 -16.36 -21.13 -11.22
C CYS B 203 -15.47 -20.21 -10.40
N ILE B 204 -15.95 -19.80 -9.22
CA ILE B 204 -15.22 -18.87 -8.35
C ILE B 204 -15.20 -19.48 -6.96
N GLY B 205 -14.01 -19.53 -6.36
CA GLY B 205 -13.83 -20.14 -5.04
C GLY B 205 -13.50 -19.10 -3.99
N GLY B 206 -14.26 -19.12 -2.90
CA GLY B 206 -13.96 -18.30 -1.75
C GLY B 206 -14.02 -16.81 -1.99
N ALA B 207 -14.93 -16.35 -2.85
CA ALA B 207 -15.07 -14.94 -3.14
C ALA B 207 -16.54 -14.59 -3.35
N LEU B 208 -16.81 -13.29 -3.26
CA LEU B 208 -18.14 -12.74 -3.48
C LEU B 208 -17.99 -11.48 -4.33
N MET B 209 -19.02 -11.16 -5.10
CA MET B 209 -18.96 -9.98 -5.95
C MET B 209 -18.87 -8.72 -5.10
N ARG B 210 -17.99 -7.80 -5.52
CA ARG B 210 -17.79 -6.55 -4.81
C ARG B 210 -18.78 -5.52 -5.34
N THR B 211 -19.57 -4.94 -4.43
CA THR B 211 -20.61 -4.00 -4.78
C THR B 211 -20.24 -2.56 -4.46
N VAL B 212 -19.24 -2.33 -3.63
CA VAL B 212 -18.80 -0.98 -3.24
C VAL B 212 -17.36 -0.77 -3.68
N THR B 213 -17.02 0.48 -3.94
CA THR B 213 -15.64 0.84 -4.24
C THR B 213 -14.76 0.56 -3.02
N GLY B 214 -13.53 0.10 -3.28
CA GLY B 214 -12.67 -0.38 -2.23
C GLY B 214 -11.63 0.61 -1.74
N LYS B 215 -11.12 0.33 -0.55
CA LYS B 215 -10.03 1.11 0.05
C LYS B 215 -8.69 0.49 -0.34
N ARG B 216 -7.66 1.33 -0.41
CA ARG B 216 -6.33 0.83 -0.69
C ARG B 216 -5.71 0.28 0.60
N ASP B 217 -4.89 -0.75 0.45
CA ASP B 217 -4.35 -1.46 1.60
C ASP B 217 -3.27 -0.61 2.27
N THR B 218 -3.60 -0.06 3.43
CA THR B 218 -2.65 0.68 4.25
C THR B 218 -2.24 -0.10 5.49
N ARG B 219 -2.36 -1.43 5.45
CA ARG B 219 -2.00 -2.27 6.57
C ARG B 219 -0.49 -2.48 6.60
N THR B 220 0.02 -2.82 7.78
CA THR B 220 1.42 -3.20 7.90
C THR B 220 1.62 -4.62 7.41
N ASP B 221 2.88 -4.94 7.06
CA ASP B 221 3.20 -6.30 6.66
C ASP B 221 2.88 -7.29 7.78
N ASP B 222 3.20 -6.94 9.02
CA ASP B 222 2.93 -7.82 10.14
C ASP B 222 1.43 -8.02 10.33
N GLU B 223 0.62 -6.99 10.08
CA GLU B 223 -0.83 -7.15 10.18
C GLU B 223 -1.36 -8.08 9.09
N ILE B 224 -0.78 -8.01 7.89
CA ILE B 224 -1.19 -8.93 6.83
C ILE B 224 -0.83 -10.35 7.18
N LEU B 225 0.39 -10.57 7.68
CA LEU B 225 0.82 -11.90 8.07
C LEU B 225 -0.03 -12.44 9.21
N ALA B 226 -0.39 -11.59 10.17
CA ALA B 226 -1.24 -12.03 11.27
C ALA B 226 -2.64 -12.37 10.81
N PHE B 227 -3.22 -11.52 9.95
CA PHE B 227 -4.55 -11.80 9.40
C PHE B 227 -4.56 -13.12 8.66
N LEU B 228 -3.53 -13.37 7.84
CA LEU B 228 -3.48 -14.59 7.06
C LEU B 228 -3.19 -15.82 7.92
N GLY B 229 -2.39 -15.66 8.98
CA GLY B 229 -2.21 -16.77 9.91
C GLY B 229 -3.50 -17.15 10.61
N LYS B 230 -4.26 -16.16 11.05
CA LYS B 230 -5.55 -16.45 11.69
C LYS B 230 -6.52 -17.07 10.71
N ALA B 231 -6.52 -16.59 9.46
CA ALA B 231 -7.42 -17.13 8.45
C ALA B 231 -7.08 -18.56 8.05
N GLY B 232 -5.85 -19.01 8.31
CA GLY B 232 -5.44 -20.36 7.98
C GLY B 232 -4.44 -20.48 6.86
N SER B 233 -3.87 -19.37 6.40
CA SER B 233 -2.93 -19.40 5.28
C SER B 233 -1.61 -20.05 5.68
N THR B 234 -0.94 -20.64 4.70
CA THR B 234 0.42 -21.15 4.91
C THR B 234 1.36 -19.96 4.71
N LEU B 235 2.03 -19.53 5.79
CA LEU B 235 2.86 -18.34 5.78
C LEU B 235 4.35 -18.67 5.70
N PRO B 236 5.14 -17.83 5.03
CA PRO B 236 6.59 -18.06 4.97
C PRO B 236 7.25 -17.71 6.30
N ALA B 237 8.43 -18.30 6.52
CA ALA B 237 9.17 -18.08 7.75
C ALA B 237 10.36 -17.14 7.57
N GLN B 238 11.20 -17.39 6.55
CA GLN B 238 12.36 -16.55 6.29
C GLN B 238 11.93 -15.13 5.92
N PRO B 239 12.55 -14.09 6.49
CA PRO B 239 12.10 -12.73 6.15
C PRO B 239 12.21 -12.40 4.68
N ASP B 240 13.13 -13.02 3.94
CA ASP B 240 13.20 -12.80 2.50
C ASP B 240 11.99 -13.41 1.80
N GLU B 241 11.59 -14.61 2.21
CA GLU B 241 10.38 -15.21 1.68
C GLU B 241 9.17 -14.35 2.01
N GLN B 242 9.13 -13.81 3.24
CA GLN B 242 8.07 -12.89 3.63
C GLN B 242 8.05 -11.69 2.70
N ALA B 243 9.22 -11.15 2.37
CA ALA B 243 9.28 -9.97 1.52
C ALA B 243 8.71 -10.26 0.14
N PHE B 244 9.13 -11.38 -0.47
CA PHE B 244 8.63 -11.70 -1.81
C PHE B 244 7.11 -11.91 -1.77
N PHE B 245 6.65 -12.68 -0.77
CA PHE B 245 5.23 -12.97 -0.64
C PHE B 245 4.41 -11.70 -0.49
N LEU B 246 4.87 -10.76 0.34
CA LEU B 246 4.08 -9.56 0.61
C LEU B 246 4.10 -8.60 -0.57
N HIS B 247 5.23 -8.51 -1.29
CA HIS B 247 5.22 -7.75 -2.53
C HIS B 247 4.16 -8.29 -3.49
N ASP B 248 4.18 -9.59 -3.76
CA ASP B 248 3.22 -10.17 -4.69
C ASP B 248 1.78 -9.99 -4.19
N PHE B 249 1.58 -10.13 -2.88
CA PHE B 249 0.26 -9.98 -2.28
C PHE B 249 -0.29 -8.58 -2.52
N ARG B 250 0.51 -7.56 -2.22
CA ARG B 250 0.05 -6.18 -2.37
C ARG B 250 -0.17 -5.83 -3.84
N TYR B 251 0.68 -6.33 -4.74
CA TYR B 251 0.44 -6.10 -6.16
C TYR B 251 -0.90 -6.69 -6.60
N ASP B 252 -1.14 -7.95 -6.25
CA ASP B 252 -2.38 -8.60 -6.68
C ASP B 252 -3.59 -7.91 -6.10
N GLY B 253 -3.49 -7.45 -4.86
CA GLY B 253 -4.59 -6.69 -4.28
C GLY B 253 -4.85 -5.40 -5.01
N TRP B 254 -3.80 -4.70 -5.41
CA TRP B 254 -3.95 -3.47 -6.19
C TRP B 254 -4.67 -3.75 -7.51
N LEU B 255 -4.23 -4.80 -8.22
CA LEU B 255 -4.85 -5.17 -9.49
C LEU B 255 -6.34 -5.45 -9.30
N ALA B 256 -6.68 -6.27 -8.31
CA ALA B 256 -8.07 -6.65 -8.10
C ALA B 256 -8.92 -5.45 -7.72
N ASP B 257 -8.40 -4.57 -6.86
CA ASP B 257 -9.14 -3.38 -6.47
C ASP B 257 -9.42 -2.51 -7.69
N VAL B 258 -8.42 -2.32 -8.55
CA VAL B 258 -8.62 -1.51 -9.74
C VAL B 258 -9.75 -2.08 -10.60
N TYR B 259 -9.68 -3.39 -10.90
CA TYR B 259 -10.66 -3.95 -11.81
C TYR B 259 -12.07 -3.95 -11.21
N TYR B 260 -12.18 -4.34 -9.93
CA TYR B 260 -13.49 -4.34 -9.30
C TYR B 260 -14.07 -2.93 -9.16
N ASN B 261 -13.21 -1.92 -8.95
CA ASN B 261 -13.72 -0.55 -8.91
C ASN B 261 -14.25 -0.13 -10.27
N HIS B 262 -13.58 -0.54 -11.34
CA HIS B 262 -14.13 -0.30 -12.67
C HIS B 262 -15.51 -0.94 -12.81
N LEU B 263 -15.64 -2.20 -12.40
CA LEU B 263 -16.93 -2.88 -12.51
C LEU B 263 -17.99 -2.17 -11.68
N VAL B 264 -17.60 -1.67 -10.50
CA VAL B 264 -18.55 -0.97 -9.63
C VAL B 264 -18.98 0.34 -10.26
N ASP B 265 -18.08 1.02 -10.98
CA ASP B 265 -18.48 2.21 -11.72
C ASP B 265 -19.50 1.86 -12.78
N LEU B 266 -19.24 0.79 -13.54
CA LEU B 266 -20.22 0.35 -14.54
C LEU B 266 -21.57 0.05 -13.90
N MET B 267 -21.56 -0.61 -12.75
CA MET B 267 -22.81 -0.92 -12.04
C MET B 267 -23.53 0.35 -11.60
N SER B 268 -22.77 1.35 -11.12
CA SER B 268 -23.37 2.58 -10.64
C SER B 268 -24.29 3.18 -11.68
N ARG B 269 -23.88 3.16 -12.95
CA ARG B 269 -24.72 3.68 -14.03
C ARG B 269 -25.72 2.64 -14.53
N GLY B 270 -25.66 1.40 -14.05
CA GLY B 270 -26.49 0.34 -14.56
C GLY B 270 -25.99 -0.28 -15.84
N ALA B 271 -24.71 -0.09 -16.17
CA ALA B 271 -24.15 -0.47 -17.46
C ALA B 271 -23.26 -1.71 -17.41
N LEU B 272 -23.26 -2.45 -16.31
CA LEU B 272 -22.46 -3.68 -16.23
C LEU B 272 -23.20 -4.80 -16.93
N GLU B 273 -22.58 -5.38 -17.95
CA GLU B 273 -23.23 -6.40 -18.76
C GLU B 273 -23.20 -7.76 -18.07
N VAL B 274 -24.33 -8.46 -18.14
CA VAL B 274 -24.46 -9.81 -17.63
C VAL B 274 -24.17 -10.79 -18.77
N VAL B 275 -23.36 -11.81 -18.50
CA VAL B 275 -22.99 -12.82 -19.48
C VAL B 275 -23.93 -14.00 -19.37
N ASP B 276 -24.26 -14.62 -20.51
CA ASP B 276 -25.12 -15.79 -20.52
C ASP B 276 -24.32 -17.05 -20.23
N ILE B 277 -23.54 -17.02 -19.16
CA ILE B 277 -22.70 -18.13 -18.75
C ILE B 277 -23.05 -18.48 -17.30
N PRO B 278 -23.34 -19.74 -16.99
CA PRO B 278 -23.60 -20.10 -15.59
C PRO B 278 -22.39 -19.83 -14.72
N VAL B 279 -22.66 -19.52 -13.45
CA VAL B 279 -21.63 -19.20 -12.47
C VAL B 279 -21.82 -20.09 -11.25
N TRP B 280 -20.76 -20.82 -10.88
CA TRP B 280 -20.73 -21.59 -9.65
C TRP B 280 -19.89 -20.87 -8.61
N CYS B 281 -20.41 -20.77 -7.39
CA CYS B 281 -19.72 -20.17 -6.25
C CYS B 281 -19.39 -21.28 -5.26
N LEU B 282 -18.12 -21.68 -5.20
CA LEU B 282 -17.69 -22.71 -4.26
C LEU B 282 -17.16 -22.05 -3.00
N VAL B 283 -17.77 -22.39 -1.85
CA VAL B 283 -17.41 -21.79 -0.57
C VAL B 283 -17.30 -22.87 0.49
N GLY B 284 -16.30 -22.74 1.36
CA GLY B 284 -16.23 -23.54 2.57
C GLY B 284 -17.06 -22.92 3.69
N SER B 285 -17.71 -23.79 4.47
CA SER B 285 -18.60 -23.28 5.52
C SER B 285 -17.84 -22.50 6.57
N GLU B 286 -16.59 -22.86 6.84
CA GLU B 286 -15.79 -22.21 7.85
C GLU B 286 -14.91 -21.10 7.26
N ASP B 287 -15.25 -20.59 6.09
CA ASP B 287 -14.48 -19.53 5.47
C ASP B 287 -14.74 -18.23 6.22
N PRO B 288 -13.75 -17.66 6.93
CA PRO B 288 -13.99 -16.42 7.67
C PRO B 288 -13.94 -15.16 6.84
N LEU B 289 -13.59 -15.26 5.55
CA LEU B 289 -13.40 -14.08 4.71
C LEU B 289 -14.61 -13.74 3.84
N VAL B 290 -15.54 -14.69 3.66
CA VAL B 290 -16.77 -14.47 2.91
C VAL B 290 -17.90 -15.07 3.74
N PRO B 291 -18.02 -14.70 5.02
CA PRO B 291 -18.93 -15.42 5.91
C PRO B 291 -20.41 -15.19 5.64
N ASN B 292 -20.76 -14.16 4.86
CA ASN B 292 -22.14 -13.86 4.56
C ASN B 292 -22.61 -14.49 3.24
N TYR B 293 -21.96 -15.57 2.82
CA TYR B 293 -22.23 -16.11 1.49
C TYR B 293 -23.66 -16.63 1.29
N PRO B 294 -24.34 -17.19 2.30
CA PRO B 294 -25.70 -17.72 2.03
C PRO B 294 -26.64 -16.69 1.44
N VAL B 295 -26.38 -15.40 1.67
CA VAL B 295 -27.20 -14.34 1.11
C VAL B 295 -26.51 -13.61 -0.03
N ARG B 296 -25.18 -13.62 -0.06
CA ARG B 296 -24.44 -12.79 -0.99
C ARG B 296 -23.99 -13.53 -2.25
N PHE B 297 -24.05 -14.86 -2.26
CA PHE B 297 -23.54 -15.59 -3.43
C PHE B 297 -24.30 -15.22 -4.69
N GLN B 298 -25.57 -14.82 -4.56
CA GLN B 298 -26.34 -14.44 -5.74
C GLN B 298 -25.90 -13.12 -6.35
N ASP B 299 -25.04 -12.36 -5.67
CA ASP B 299 -24.56 -11.12 -6.26
C ASP B 299 -23.64 -11.36 -7.45
N TRP B 300 -23.27 -12.61 -7.72
CA TRP B 300 -22.61 -12.93 -8.97
C TRP B 300 -23.56 -12.82 -10.16
N SER B 301 -24.84 -12.55 -9.91
CA SER B 301 -25.79 -12.30 -10.99
C SER B 301 -25.42 -11.07 -11.81
N HIS B 302 -24.65 -10.14 -11.25
CA HIS B 302 -24.19 -8.99 -12.03
C HIS B 302 -23.23 -9.38 -13.14
N ILE B 303 -22.56 -10.53 -13.01
CA ILE B 303 -21.61 -10.99 -14.01
C ILE B 303 -22.24 -12.02 -14.93
N GLY B 304 -22.94 -12.99 -14.36
CA GLY B 304 -23.56 -14.04 -15.14
C GLY B 304 -24.70 -14.67 -14.37
N ARG B 305 -25.57 -15.36 -15.11
CA ARG B 305 -26.70 -16.06 -14.55
C ARG B 305 -26.93 -17.31 -15.39
N PRO B 306 -27.42 -18.41 -14.80
CA PRO B 306 -27.79 -18.60 -13.39
C PRO B 306 -26.58 -18.79 -12.47
N VAL B 307 -26.80 -18.65 -11.15
CA VAL B 307 -25.74 -18.76 -10.16
C VAL B 307 -26.06 -19.92 -9.22
N GLN B 308 -25.09 -20.81 -9.03
CA GLN B 308 -25.23 -21.99 -8.18
C GLN B 308 -24.24 -21.90 -7.03
N LEU B 309 -24.68 -22.36 -5.85
CA LEU B 309 -23.86 -22.37 -4.65
C LEU B 309 -23.44 -23.81 -4.37
N VAL B 310 -22.15 -24.00 -4.11
CA VAL B 310 -21.61 -25.28 -3.66
C VAL B 310 -20.97 -25.08 -2.30
N GLU B 311 -21.39 -25.86 -1.31
CA GLU B 311 -20.96 -25.67 0.07
C GLU B 311 -20.10 -26.86 0.50
N TYR B 312 -18.90 -26.56 1.02
CA TYR B 312 -17.95 -27.56 1.50
C TYR B 312 -17.93 -27.49 3.02
N ALA B 313 -18.51 -28.50 3.67
CA ALA B 313 -18.72 -28.44 5.11
C ALA B 313 -17.41 -28.66 5.86
N GLY B 314 -17.19 -27.84 6.89
CA GLY B 314 -16.02 -27.98 7.72
C GLY B 314 -14.72 -27.52 7.10
N ILE B 315 -14.77 -26.87 5.95
CA ILE B 315 -13.57 -26.44 5.25
C ILE B 315 -13.59 -24.92 5.19
N GLY B 316 -12.40 -24.32 5.24
CA GLY B 316 -12.26 -22.88 5.28
C GLY B 316 -12.03 -22.27 3.91
N HIS B 317 -11.26 -21.16 3.91
CA HIS B 317 -11.05 -20.40 2.69
C HIS B 317 -10.18 -21.16 1.70
N TYR B 318 -9.15 -21.84 2.21
CA TYR B 318 -8.11 -22.41 1.37
C TYR B 318 -8.54 -23.81 0.91
N LEU B 319 -9.49 -23.80 -0.02
CA LEU B 319 -10.05 -25.03 -0.57
C LEU B 319 -9.02 -25.81 -1.38
N LEU B 320 -8.15 -25.10 -2.11
CA LEU B 320 -7.16 -25.78 -2.94
C LEU B 320 -6.09 -26.48 -2.12
N ARG B 321 -5.97 -26.17 -0.83
CA ARG B 321 -5.08 -26.86 0.08
C ARG B 321 -5.77 -27.97 0.88
N ASP B 322 -7.04 -27.79 1.24
CA ASP B 322 -7.70 -28.66 2.18
C ASP B 322 -8.61 -29.71 1.55
N CYS B 323 -9.16 -29.42 0.37
CA CYS B 323 -10.00 -30.40 -0.35
C CYS B 323 -9.76 -30.28 -1.84
N PRO B 324 -8.52 -30.43 -2.29
CA PRO B 324 -8.23 -30.33 -3.73
C PRO B 324 -8.96 -31.35 -4.57
N GLU B 325 -9.03 -32.61 -4.09
CA GLU B 325 -9.72 -33.66 -4.83
C GLU B 325 -11.17 -33.26 -5.10
N ALA B 326 -11.82 -32.64 -4.11
CA ALA B 326 -13.22 -32.23 -4.28
C ALA B 326 -13.35 -31.07 -5.26
N ILE B 327 -12.35 -30.20 -5.36
CA ILE B 327 -12.42 -29.12 -6.34
C ILE B 327 -12.30 -29.69 -7.75
N ALA B 328 -11.39 -30.65 -7.95
CA ALA B 328 -11.30 -31.32 -9.25
C ALA B 328 -12.61 -32.04 -9.58
N ARG B 329 -13.22 -32.67 -8.57
CA ARG B 329 -14.50 -33.34 -8.78
C ARG B 329 -15.58 -32.31 -9.14
N ALA B 330 -15.51 -31.12 -8.55
CA ALA B 330 -16.47 -30.07 -8.85
C ALA B 330 -16.35 -29.58 -10.29
N VAL B 331 -15.12 -29.44 -10.80
CA VAL B 331 -14.99 -29.00 -12.19
C VAL B 331 -15.58 -30.08 -13.11
N GLY B 332 -15.34 -31.36 -12.79
CA GLY B 332 -15.98 -32.42 -13.56
C GLY B 332 -17.50 -32.35 -13.52
N SER B 333 -18.06 -32.08 -12.34
CA SER B 333 -19.51 -31.93 -12.23
C SER B 333 -20.02 -30.76 -13.05
N VAL B 334 -19.34 -29.62 -12.99
CA VAL B 334 -19.75 -28.46 -13.78
C VAL B 334 -19.76 -28.82 -15.26
N TRP B 335 -18.74 -29.56 -15.70
CA TRP B 335 -18.76 -30.03 -17.08
C TRP B 335 -20.02 -30.86 -17.35
N GLU B 336 -20.38 -31.73 -16.40
CA GLU B 336 -21.59 -32.53 -16.57
C GLU B 336 -22.84 -31.66 -16.71
N HIS B 337 -22.85 -30.49 -16.06
CA HIS B 337 -24.00 -29.59 -16.22
C HIS B 337 -24.03 -28.95 -17.61
N VAL B 338 -22.87 -28.67 -18.18
CA VAL B 338 -22.76 -27.91 -19.43
C VAL B 338 -22.23 -28.77 -20.58
N SER B 339 -22.37 -30.10 -20.48
CA SER B 339 -21.72 -30.99 -21.44
C SER B 339 -22.26 -30.85 -22.84
N CYS B 340 -23.58 -30.75 -22.99
CA CYS B 340 -24.19 -30.72 -24.31
C CYS B 340 -25.18 -29.57 -24.47
P24 PNS C . 12.15 11.88 15.74
O25 PNS C . 12.33 13.37 15.97
O26 PNS C . 13.47 11.12 15.74
O27 PNS C . 11.40 11.57 14.30
C28 PNS C . 10.10 11.08 14.12
C29 PNS C . 10.14 10.31 12.81
C30 PNS C . 11.52 9.67 12.74
C31 PNS C . 9.07 9.20 12.88
C32 PNS C . 9.85 11.19 11.58
O33 PNS C . 10.17 12.52 11.93
C34 PNS C . 10.57 10.88 10.26
O35 PNS C . 11.60 10.28 10.23
N36 PNS C . 10.04 11.33 8.98
C37 PNS C . 10.79 10.99 7.77
C38 PNS C . 10.07 10.02 6.83
C39 PNS C . 9.21 10.82 5.85
O40 PNS C . 8.06 11.00 6.06
N41 PNS C . 9.82 11.39 4.66
C42 PNS C . 9.02 12.15 3.72
C43 PNS C . 9.55 11.93 2.29
S44 PNS C . 8.35 12.53 1.07
H282 PNS C . 9.85 10.50 14.86
H281 PNS C . 9.47 11.81 14.07
H303 PNS C . 12.15 10.32 12.43
H302 PNS C . 11.49 8.91 12.13
H301 PNS C . 11.77 9.36 13.62
H313 PNS C . 8.93 8.96 13.80
H312 PNS C . 9.38 8.43 12.37
H311 PNS C . 8.25 9.53 12.49
H32 PNS C . 8.90 11.02 11.37
H33 PNS C . 11.00 12.57 12.12
H36 PNS C . 9.30 11.76 8.94
H372 PNS C . 10.95 11.83 7.28
H371 PNS C . 11.63 10.60 8.03
H382 PNS C . 10.72 9.50 6.33
H381 PNS C . 9.51 9.43 7.35
H41 PNS C . 10.66 11.27 4.51
H422 PNS C . 9.08 13.09 3.93
H421 PNS C . 8.10 11.86 3.76
H431 PNS C . 9.70 10.98 2.15
H432 PNS C . 10.38 12.41 2.18
H44 PNS C . 7.39 11.81 1.08
C1 EDO D . 15.55 18.12 25.44
O1 EDO D . 14.15 17.84 25.61
C2 EDO D . 16.22 17.00 24.64
O2 EDO D . 15.67 16.96 23.33
H11 EDO D . 16.03 18.22 26.42
H12 EDO D . 15.67 19.07 24.90
HO1 EDO D . 13.74 18.57 26.07
H21 EDO D . 16.06 16.05 25.15
H22 EDO D . 17.29 17.18 24.59
HO2 EDO D . 15.87 16.11 22.93
C1 EDO E . -4.78 3.31 21.29
O1 EDO E . -4.35 3.74 19.96
C2 EDO E . -4.00 2.05 21.71
O2 EDO E . -2.57 2.17 21.69
H11 EDO E . -5.76 3.14 21.31
H12 EDO E . -4.59 4.05 21.95
HO1 EDO E . -4.75 4.45 19.66
H21 EDO E . -4.25 1.30 21.11
H22 EDO E . -4.27 1.77 22.62
HO2 EDO E . -2.29 2.75 21.11
C1 EDO F . 18.79 27.21 20.16
O1 EDO F . 17.42 26.83 20.53
C2 EDO F . 19.24 26.44 18.90
O2 EDO F . 18.38 25.36 18.49
H11 EDO F . 19.42 27.02 20.92
H12 EDO F . 18.82 28.18 19.98
HO1 EDO F . 17.11 27.24 21.25
H21 EDO F . 20.13 26.05 19.07
H22 EDO F . 19.35 27.06 18.14
HO2 EDO F . 17.56 25.48 18.71
P24 PNS G . 2.43 -23.15 -1.29
O25 PNS G . 1.69 -24.22 -2.09
O26 PNS G . 2.66 -23.57 0.15
O27 PNS G . 1.65 -21.72 -1.27
C28 PNS G . 2.14 -20.56 -1.86
C29 PNS G . 1.55 -19.45 -0.99
C30 PNS G . 1.55 -19.98 0.43
C31 PNS G . 2.47 -18.23 -1.11
C32 PNS G . 0.15 -19.06 -1.47
O33 PNS G . -0.39 -20.19 -2.12
C34 PNS G . -0.89 -18.63 -0.41
O35 PNS G . -0.79 -18.91 0.73
N36 PNS G . -2.07 -17.86 -0.79
C37 PNS G . -3.01 -17.50 0.27
C38 PNS G . -3.03 -15.99 0.53
C39 PNS G . -4.05 -15.34 -0.40
O40 PNS G . -3.71 -14.87 -1.43
N41 PNS G . -5.45 -15.34 -0.02
C42 PNS G . -6.44 -14.72 -0.89
C43 PNS G . -7.53 -14.10 -0.01
S44 PNS G . -8.54 -12.96 -1.00
H282 PNS G . 3.11 -20.55 -1.84
H281 PNS G . 1.84 -20.48 -2.78
H303 PNS G . 0.79 -20.56 0.55
H302 PNS G . 1.49 -19.22 1.05
H301 PNS G . 2.37 -20.47 0.60
H313 PNS G . 3.39 -18.52 -1.22
H312 PNS G . 2.39 -17.69 -0.31
H311 PNS G . 2.21 -17.70 -1.89
H32 PNS G . 0.28 -18.26 -2.01
H33 PNS G . -0.46 -20.83 -1.57
H36 PNS G . -2.20 -17.62 -1.59
H372 PNS G . -3.90 -17.78 0.00
H371 PNS G . -2.77 -17.96 1.08
H382 PNS G . -3.27 -15.83 1.46
H381 PNS G . -2.15 -15.62 0.36
H41 PNS G . -5.69 -15.69 0.72
H422 PNS G . -6.83 -15.39 -1.47
H421 PNS G . -6.02 -14.03 -1.42
H431 PNS G . -7.12 -13.61 0.72
H432 PNS G . -8.09 -14.80 0.35
H44 PNS G . -7.90 -12.00 -1.30
C1 EDO H . 0.17 -28.38 -3.68
O1 EDO H . -0.89 -27.41 -3.78
C2 EDO H . 1.49 -27.66 -3.49
O2 EDO H . 1.48 -26.96 -2.24
H11 EDO H . 0.19 -28.98 -4.60
H12 EDO H . -0.03 -29.04 -2.84
HO1 EDO H . -1.74 -27.85 -3.86
H21 EDO H . 1.66 -26.95 -4.31
H22 EDO H . 2.32 -28.38 -3.51
HO2 EDO H . 2.00 -26.14 -2.32
C1 EDO I . -27.57 -24.23 -16.03
O1 EDO I . -28.34 -24.24 -14.82
C2 EDO I . -26.56 -25.38 -15.97
O2 EDO I . -26.72 -26.04 -14.70
H11 EDO I . -27.05 -23.28 -16.14
H12 EDO I . -28.22 -24.37 -16.89
HO1 EDO I . -29.02 -23.54 -14.87
H21 EDO I . -25.55 -25.00 -16.07
H22 EDO I . -26.74 -26.09 -16.78
HO2 EDO I . -26.47 -26.97 -14.80
#